data_3J9D
#
_entry.id   3J9D
#
_cell.length_a   1
_cell.length_b   1
_cell.length_c   1
_cell.angle_alpha   90
_cell.angle_beta   90
_cell.angle_gamma   90
#
_symmetry.space_group_name_H-M   'P 1'
#
loop_
_entity.id
_entity.type
_entity.pdbx_description
1 polymer 'Outer capsid protein VP2'
2 non-polymer 'ZINC ION'
#
_entity_poly.entity_id   1
_entity_poly.type   'polypeptide(L)'
_entity_poly.pdbx_seq_one_letter_code
;MDELGIPVYKRGFPEHLLRGYEFIIDVGTKIESVGGRHDVTKIPEMNAYDIKQESIRTALWYNPIRNDGFVLPRVLDITL
RGYDERRAVVESTRHKSFHTNDQWVQWMMKDSMDAQPLKVGLDDQSRNVAHSLHNCVVKIDSKKADTMSYHVEPIEDASK
GCLHTRTMMWNHLVRIETFHAAQEVAYTLKPTYDIVVHAERRDRSQPFRPGDQTLINFGRGQKVTMNHNSYDKMVEGLAH
LVIRGKIPEVIRDDIASLDEICNRWIQSRHDPGEIKAYELCKILSTIGRKVLDREKEPEDEASLSIRFQEAIDNKFRQHD
PERLKIFEHRNQRRDEDRFYILLMIAASDTFNTRVWWSNPYPCLRGTLIASETKLGDVYSMMRSWYDWSVRPTYTPYEKT
REQEKYIYGRVNLFDFVAEPGIKIVHWEYRLNHSTREITYAQGNPCDLYPEDDDVIVTKFDDVAYGQMINEMINGGWNQE
QFKMHKILKSEGNVLTIDFEKDAKLTTNEGVTMPEYFNKWIIAPMFNAKLRIKHEEIAQRQSDDPMVKRTLSPITADPIE
LQRLTLARFYDIRPALRGQALSRQQAQSTYDEEISKRQDYAEILKRRGIVQIPKKPCPTVTAQYTLERYALFIISILQQH
VVRDCDEEAVYEHPKADHELEIFGESIVDISQVIILAFDLIFERRRRVRDVYESRHIIARIRRMRGKERLNVIAEFFPTY
GGLLNGLNSATVVQNIMYLNFLPLYFLVGDNMIYSHRQWSIPLLLYTHEVMVVPLEVGSYNDRCGLIAYLEYMVFFPSKA
IRFSKLNEAQPKIAREMLKYYANTTVYDGGVNYNVVTTKQLLYETYLASLCGGISDGIVWYLPITHPNKCIVAIEVSDER
VPASIRAGRIRLRFPLSARHLKGVVIIQIDEEGEFTVYSEGIVSHRVCKKNLLKYMCDIILLKFSGHVFGNDEMLTKLLN
V
;
_entity_poly.pdbx_strand_id   A
#
# COMPACT_ATOMS: atom_id res chain seq x y z
N MET A 1 21.27 -16.47 34.07
CA MET A 1 22.50 -15.65 33.87
C MET A 1 23.58 -16.31 32.99
N ASP A 2 24.11 -15.55 32.04
CA ASP A 2 25.31 -15.93 31.29
C ASP A 2 25.15 -16.90 30.12
N GLU A 3 24.46 -18.04 30.30
CA GLU A 3 24.25 -18.97 29.18
C GLU A 3 23.01 -19.84 29.27
N LEU A 4 21.98 -19.64 28.45
CA LEU A 4 20.86 -20.64 28.41
C LEU A 4 21.12 -21.81 27.47
N GLY A 5 20.50 -22.96 27.75
CA GLY A 5 20.54 -24.07 26.83
C GLY A 5 19.17 -24.39 26.26
N ILE A 6 19.07 -24.80 25.00
CA ILE A 6 17.75 -25.14 24.47
C ILE A 6 17.61 -26.52 23.87
N PRO A 7 17.10 -27.48 24.65
CA PRO A 7 17.02 -28.90 24.31
C PRO A 7 16.20 -29.12 23.07
N VAL A 8 16.61 -30.03 22.18
CA VAL A 8 15.89 -30.27 20.95
C VAL A 8 15.77 -31.75 20.81
N TYR A 9 14.55 -32.26 20.96
CA TYR A 9 14.26 -33.69 21.08
C TYR A 9 13.28 -34.20 20.05
N LYS A 10 13.43 -35.45 19.67
CA LYS A 10 12.42 -36.09 18.87
C LYS A 10 11.66 -37.08 19.77
N ARG A 11 10.39 -37.33 19.49
CA ARG A 11 9.64 -38.33 20.25
C ARG A 11 10.38 -39.64 20.14
N GLY A 12 10.43 -40.44 21.22
CA GLY A 12 9.67 -40.19 22.42
C GLY A 12 10.43 -39.76 23.67
N PHE A 13 11.18 -38.67 23.56
CA PHE A 13 11.71 -38.02 24.75
C PHE A 13 10.52 -37.43 25.49
N PRO A 14 10.34 -37.78 26.79
CA PRO A 14 9.06 -37.50 27.47
C PRO A 14 8.57 -36.03 27.60
N GLU A 15 9.46 -35.05 27.81
CA GLU A 15 9.07 -33.65 28.08
C GLU A 15 8.03 -33.35 29.23
N HIS A 16 7.52 -34.37 29.94
CA HIS A 16 7.05 -34.20 31.33
C HIS A 16 8.34 -33.56 31.85
N LEU A 17 9.44 -34.22 31.49
CA LEU A 17 10.84 -33.91 31.82
C LEU A 17 11.49 -32.61 31.39
N LEU A 18 11.06 -31.95 30.34
CA LEU A 18 11.90 -30.86 29.88
C LEU A 18 11.51 -29.47 30.37
N ARG A 19 10.51 -29.38 31.24
CA ARG A 19 9.87 -28.11 31.54
C ARG A 19 10.81 -27.14 32.22
N GLY A 20 11.93 -27.64 32.71
CA GLY A 20 12.93 -26.81 33.36
C GLY A 20 13.48 -25.77 32.41
N TYR A 21 13.60 -26.11 31.12
CA TYR A 21 14.15 -25.19 30.13
C TYR A 21 13.17 -24.11 29.71
N GLU A 22 13.71 -22.99 29.27
CA GLU A 22 12.91 -21.85 28.89
C GLU A 22 12.48 -21.88 27.42
N PHE A 23 13.13 -22.65 26.58
CA PHE A 23 12.74 -22.72 25.17
C PHE A 23 12.99 -24.12 24.63
N ILE A 24 12.12 -24.64 23.79
CA ILE A 24 12.25 -26.05 23.47
C ILE A 24 11.95 -26.34 21.99
N ILE A 25 12.72 -27.19 21.35
CA ILE A 25 12.46 -27.49 19.95
C ILE A 25 12.08 -28.97 19.84
N ASP A 26 10.83 -29.24 19.53
CA ASP A 26 10.31 -30.58 19.46
C ASP A 26 10.28 -31.03 18.00
N VAL A 27 11.28 -31.79 17.57
CA VAL A 27 11.46 -32.11 16.15
C VAL A 27 11.02 -33.47 15.57
N GLY A 28 10.23 -34.31 16.21
CA GLY A 28 9.11 -33.93 17.02
C GLY A 28 7.96 -34.15 16.06
N THR A 29 6.95 -33.30 16.18
CA THR A 29 5.85 -33.30 15.23
C THR A 29 6.23 -32.47 14.02
N LYS A 30 6.67 -33.13 12.97
CA LYS A 30 6.91 -32.45 11.70
C LYS A 30 5.67 -32.46 10.84
N ILE A 31 5.60 -31.54 9.90
CA ILE A 31 4.58 -31.63 8.88
C ILE A 31 5.25 -32.21 7.63
N GLU A 32 4.67 -33.26 7.07
CA GLU A 32 5.33 -33.94 5.95
C GLU A 32 5.43 -33.00 4.80
N SER A 33 6.56 -33.01 4.10
CA SER A 33 6.70 -32.22 2.86
C SER A 33 6.01 -32.88 1.65
N VAL A 34 5.55 -32.09 0.69
CA VAL A 34 5.01 -32.68 -0.54
C VAL A 34 5.88 -32.32 -1.73
N GLY A 35 6.83 -33.21 -2.02
CA GLY A 35 8.11 -32.84 -2.60
C GLY A 35 8.05 -31.90 -3.76
N GLY A 36 9.01 -30.98 -3.82
CA GLY A 36 10.03 -30.86 -2.79
C GLY A 36 9.76 -29.71 -1.83
N ARG A 37 8.71 -28.92 -2.11
CA ARG A 37 8.22 -27.87 -1.20
C ARG A 37 7.65 -28.48 0.06
N HIS A 38 7.70 -27.83 1.21
CA HIS A 38 6.84 -28.38 2.27
C HIS A 38 5.62 -27.52 2.36
N ASP A 39 4.48 -28.17 2.55
CA ASP A 39 3.24 -27.69 1.94
C ASP A 39 2.43 -26.75 2.81
N VAL A 40 2.27 -25.53 2.32
CA VAL A 40 1.62 -24.53 3.09
C VAL A 40 0.19 -24.93 3.34
N THR A 41 -0.34 -25.84 2.51
CA THR A 41 -1.76 -26.17 2.55
C THR A 41 -2.22 -26.73 3.87
N LYS A 42 -1.26 -27.26 4.63
CA LYS A 42 -1.58 -27.78 5.94
C LYS A 42 -1.68 -26.68 6.97
N ILE A 43 -1.30 -25.45 6.63
CA ILE A 43 -1.28 -24.36 7.63
C ILE A 43 -2.57 -24.16 8.45
N PRO A 44 -3.76 -24.09 7.79
CA PRO A 44 -4.96 -23.87 8.61
C PRO A 44 -5.24 -25.04 9.54
N GLU A 45 -4.65 -26.17 9.23
CA GLU A 45 -4.78 -27.36 10.04
C GLU A 45 -3.81 -27.41 11.23
N MET A 46 -2.54 -27.07 11.00
CA MET A 46 -1.50 -27.05 12.05
C MET A 46 -1.69 -25.80 12.89
N ASN A 47 -0.80 -25.47 13.83
CA ASN A 47 -0.98 -24.14 14.43
C ASN A 47 0.29 -23.25 14.50
N ALA A 48 0.61 -22.33 13.56
CA ALA A 48 -0.01 -21.85 12.31
C ALA A 48 0.08 -20.38 12.44
N TYR A 49 -0.29 -19.66 11.39
CA TYR A 49 -0.62 -18.23 11.47
C TYR A 49 -1.83 -17.96 10.58
N ASP A 50 -3.04 -18.02 11.10
CA ASP A 50 -4.16 -18.46 10.26
C ASP A 50 -4.44 -17.63 8.98
N ILE A 51 -4.70 -18.42 7.95
CA ILE A 51 -4.89 -18.05 6.56
C ILE A 51 -5.91 -19.06 6.08
N LYS A 52 -7.17 -18.69 5.96
CA LYS A 52 -8.16 -19.63 5.47
C LYS A 52 -7.85 -19.99 4.03
N GLN A 53 -8.06 -21.24 3.63
CA GLN A 53 -7.85 -21.69 2.25
C GLN A 53 -8.90 -21.20 1.22
N GLU A 54 -8.49 -20.39 0.25
CA GLU A 54 -9.44 -19.58 -0.51
C GLU A 54 -8.83 -18.91 -1.74
N SER A 55 -9.64 -18.58 -2.74
CA SER A 55 -9.10 -17.86 -3.89
C SER A 55 -8.62 -16.49 -3.45
N ILE A 56 -7.42 -16.15 -3.89
CA ILE A 56 -6.55 -15.30 -3.10
C ILE A 56 -7.00 -13.84 -2.94
N ARG A 57 -7.80 -13.31 -3.84
CA ARG A 57 -8.29 -11.95 -3.61
C ARG A 57 -9.33 -11.96 -2.50
N THR A 58 -9.94 -13.11 -2.24
CA THR A 58 -10.82 -13.16 -1.10
C THR A 58 -10.06 -13.68 0.13
N ALA A 59 -8.79 -13.94 -0.06
CA ALA A 59 -7.95 -14.01 1.11
C ALA A 59 -7.60 -12.58 1.57
N LEU A 60 -7.43 -11.64 0.63
CA LEU A 60 -7.07 -10.28 1.03
C LEU A 60 -8.06 -9.60 1.94
N TRP A 61 -9.32 -9.97 1.83
CA TRP A 61 -10.33 -9.15 2.44
C TRP A 61 -10.77 -9.89 3.69
N TYR A 62 -10.01 -10.96 4.00
CA TYR A 62 -10.38 -11.97 5.01
C TYR A 62 -10.07 -11.51 6.41
N ASN A 63 -10.64 -12.18 7.42
CA ASN A 63 -10.95 -11.47 8.64
C ASN A 63 -10.02 -11.30 9.84
N PRO A 64 -9.25 -12.31 10.30
CA PRO A 64 -9.12 -13.75 10.37
C PRO A 64 -9.52 -14.28 11.76
N ILE A 65 -10.20 -15.41 11.85
CA ILE A 65 -10.69 -15.85 13.15
C ILE A 65 -10.14 -17.16 13.69
N ARG A 66 -9.03 -17.67 13.17
CA ARG A 66 -8.51 -18.89 13.74
C ARG A 66 -7.24 -18.68 14.58
N ASN A 67 -6.85 -17.42 14.74
CA ASN A 67 -5.73 -17.02 15.59
C ASN A 67 -6.08 -16.89 17.08
N ASP A 68 -5.08 -16.55 17.90
CA ASP A 68 -5.28 -16.17 19.31
C ASP A 68 -4.97 -14.70 19.53
N GLY A 69 -4.93 -13.93 18.45
CA GLY A 69 -4.60 -12.52 18.55
C GLY A 69 -3.33 -12.23 17.79
N PHE A 70 -2.84 -11.01 17.85
CA PHE A 70 -1.81 -10.60 16.90
C PHE A 70 -0.51 -10.17 17.55
N VAL A 71 0.61 -10.72 17.12
CA VAL A 71 1.88 -10.15 17.49
C VAL A 71 2.34 -9.22 16.36
N LEU A 72 2.99 -8.09 16.68
CA LEU A 72 3.71 -7.31 15.64
C LEU A 72 5.16 -7.69 15.59
N PRO A 73 5.67 -7.97 14.40
CA PRO A 73 7.08 -8.29 14.32
C PRO A 73 7.98 -7.20 14.85
N ARG A 74 7.61 -5.93 14.67
CA ARG A 74 8.58 -4.91 15.00
C ARG A 74 8.35 -4.28 16.35
N VAL A 75 7.51 -4.85 17.22
CA VAL A 75 7.16 -4.15 18.45
C VAL A 75 8.37 -3.91 19.29
N LEU A 76 9.32 -4.83 19.22
CA LEU A 76 10.53 -4.61 19.99
C LEU A 76 11.32 -3.45 19.41
N ASP A 77 11.56 -3.43 18.11
CA ASP A 77 12.26 -2.32 17.54
C ASP A 77 11.49 -1.05 17.76
N ILE A 78 10.16 -1.10 17.75
CA ILE A 78 9.37 0.12 17.90
C ILE A 78 9.71 0.74 19.21
N THR A 79 9.72 -0.06 20.27
CA THR A 79 9.93 0.55 21.58
C THR A 79 11.35 0.66 21.99
N LEU A 80 12.26 0.03 21.27
CA LEU A 80 13.66 0.32 21.50
C LEU A 80 13.92 1.69 20.95
N ARG A 81 13.48 1.98 19.74
CA ARG A 81 13.67 3.32 19.26
C ARG A 81 12.86 4.25 20.13
N GLY A 82 11.84 3.75 20.77
CA GLY A 82 11.06 4.65 21.59
C GLY A 82 11.88 5.06 22.75
N TYR A 83 12.62 4.11 23.28
CA TYR A 83 13.35 4.35 24.52
C TYR A 83 14.64 5.09 24.24
N ASP A 84 15.26 4.84 23.10
CA ASP A 84 16.47 5.54 22.69
C ASP A 84 16.29 7.00 22.55
N GLU A 85 15.09 7.42 22.23
CA GLU A 85 14.86 8.79 21.88
C GLU A 85 14.13 9.57 22.93
N ARG A 86 14.10 9.13 24.18
CA ARG A 86 13.34 9.92 25.14
C ARG A 86 13.86 11.33 25.30
N ARG A 87 12.96 12.29 25.49
CA ARG A 87 13.39 13.66 25.79
C ARG A 87 14.01 13.60 27.17
N ALA A 88 15.05 14.41 27.42
CA ALA A 88 15.46 14.69 28.78
C ALA A 88 14.67 15.92 29.13
N VAL A 89 14.21 16.06 30.37
CA VAL A 89 13.66 17.36 30.78
C VAL A 89 14.11 17.61 32.19
N VAL A 90 14.62 18.82 32.46
CA VAL A 90 15.14 19.11 33.79
C VAL A 90 14.05 19.19 34.88
N GLU A 91 14.29 18.62 36.05
CA GLU A 91 13.25 18.54 37.07
C GLU A 91 13.33 19.67 38.06
N SER A 92 12.50 19.62 39.09
CA SER A 92 12.45 20.68 40.11
C SER A 92 13.79 20.78 40.84
N THR A 93 14.31 19.65 41.31
CA THR A 93 15.74 19.47 41.61
C THR A 93 16.44 19.36 40.28
N ARG A 94 17.70 19.73 40.18
CA ARG A 94 18.24 19.94 38.85
C ARG A 94 18.52 18.65 38.04
N HIS A 95 18.04 17.48 38.50
CA HIS A 95 18.16 16.18 37.78
C HIS A 95 17.38 16.12 36.48
N LYS A 96 17.87 15.44 35.45
CA LYS A 96 17.03 15.19 34.25
C LYS A 96 16.01 14.14 34.58
N SER A 97 14.90 14.10 33.86
CA SER A 97 14.12 12.87 33.83
C SER A 97 13.59 12.67 32.42
N PHE A 98 13.49 11.41 31.98
CA PHE A 98 13.34 11.15 30.56
C PHE A 98 11.97 10.75 30.12
N HIS A 99 11.30 11.60 29.35
CA HIS A 99 9.94 11.31 28.94
C HIS A 99 9.86 10.62 27.60
N THR A 100 9.13 9.51 27.54
CA THR A 100 8.99 8.75 26.31
C THR A 100 8.21 9.57 25.34
N ASN A 101 8.43 9.42 24.05
CA ASN A 101 7.52 10.04 23.11
C ASN A 101 6.30 9.17 22.95
N ASP A 102 5.54 8.99 24.01
CA ASP A 102 4.72 7.81 24.12
C ASP A 102 3.53 7.91 23.22
N GLN A 103 3.48 8.95 22.41
CA GLN A 103 2.38 9.07 21.47
C GLN A 103 2.79 8.79 20.05
N TRP A 104 4.09 8.69 19.81
CA TRP A 104 4.62 8.27 18.52
C TRP A 104 4.80 6.81 18.59
N VAL A 105 4.82 6.27 19.79
CA VAL A 105 5.00 4.85 19.91
C VAL A 105 3.61 4.22 19.91
N GLN A 106 2.57 4.98 20.24
CA GLN A 106 1.23 4.46 20.07
C GLN A 106 0.94 4.44 18.61
N TRP A 107 1.22 5.55 17.93
CA TRP A 107 0.94 5.64 16.51
C TRP A 107 1.79 4.68 15.77
N MET A 108 3.02 4.50 16.20
CA MET A 108 3.88 3.56 15.51
C MET A 108 3.40 2.14 15.68
N MET A 109 2.71 1.85 16.78
CA MET A 109 2.29 0.47 17.03
C MET A 109 1.11 0.11 16.22
N LYS A 110 0.02 0.89 16.28
CA LYS A 110 -1.05 0.79 15.26
C LYS A 110 -0.41 1.31 13.99
N ASP A 111 -1.06 1.21 12.83
CA ASP A 111 -0.37 1.63 11.60
C ASP A 111 0.87 0.79 11.47
N SER A 112 0.66 -0.50 11.26
CA SER A 112 1.77 -1.40 11.16
C SER A 112 1.30 -2.58 10.35
N MET A 113 1.74 -2.69 9.11
CA MET A 113 1.19 -3.74 8.27
C MET A 113 1.82 -5.10 8.57
N ASP A 114 2.82 -5.09 9.42
CA ASP A 114 3.49 -6.33 9.80
C ASP A 114 2.57 -7.35 10.40
N ALA A 115 1.54 -6.88 11.11
CA ALA A 115 0.98 -7.65 12.22
C ALA A 115 0.62 -9.00 11.72
N GLN A 116 0.95 -10.06 12.45
CA GLN A 116 0.46 -11.36 12.04
C GLN A 116 -0.40 -11.93 13.14
N PRO A 117 -1.43 -12.69 12.77
CA PRO A 117 -2.36 -13.36 13.66
C PRO A 117 -2.00 -14.83 13.80
N LEU A 118 -1.44 -15.25 14.93
CA LEU A 118 -1.07 -16.66 15.06
C LEU A 118 -2.07 -17.38 15.93
N LYS A 119 -2.28 -18.65 15.64
CA LYS A 119 -2.82 -19.55 16.65
C LYS A 119 -1.65 -20.25 17.36
N VAL A 120 -1.54 -20.08 18.68
CA VAL A 120 -0.61 -20.92 19.45
C VAL A 120 -1.27 -22.16 19.98
N GLY A 121 -0.46 -23.17 20.23
CA GLY A 121 -0.91 -24.40 20.83
C GLY A 121 -0.62 -24.31 22.30
N LEU A 122 -1.48 -23.59 23.00
CA LEU A 122 -1.26 -23.32 24.39
C LEU A 122 -1.94 -24.38 25.23
N ASP A 123 -1.18 -25.00 26.14
CA ASP A 123 -1.70 -26.00 27.08
C ASP A 123 -1.83 -25.46 28.52
N ASP A 124 -2.76 -26.01 29.30
CA ASP A 124 -2.96 -25.50 30.66
C ASP A 124 -2.21 -26.23 31.79
N GLN A 125 -1.56 -27.36 31.52
CA GLN A 125 -0.75 -28.01 32.54
C GLN A 125 0.70 -27.47 32.56
N SER A 126 1.10 -26.76 31.51
CA SER A 126 2.44 -26.17 31.48
C SER A 126 2.42 -24.78 30.91
N ARG A 127 3.38 -23.97 31.30
CA ARG A 127 3.45 -22.58 30.88
C ARG A 127 4.30 -22.34 29.64
N ASN A 128 3.81 -22.69 28.45
CA ASN A 128 4.71 -22.85 27.34
C ASN A 128 4.36 -22.39 25.94
N VAL A 129 3.11 -22.10 25.61
CA VAL A 129 2.82 -21.49 24.30
C VAL A 129 3.50 -22.10 23.08
N ALA A 130 3.11 -23.28 22.63
CA ALA A 130 3.73 -23.91 21.46
C ALA A 130 3.41 -23.24 20.13
N HIS A 131 4.40 -23.11 19.24
CA HIS A 131 4.20 -22.66 17.85
C HIS A 131 4.62 -23.72 16.87
N SER A 132 3.66 -24.29 16.17
CA SER A 132 3.96 -25.29 15.17
C SER A 132 4.69 -24.57 14.07
N LEU A 133 5.49 -25.32 13.34
CA LEU A 133 6.35 -24.82 12.31
C LEU A 133 6.63 -26.06 11.46
N HIS A 134 7.00 -25.93 10.20
CA HIS A 134 6.96 -27.11 9.33
C HIS A 134 7.89 -28.25 9.75
N ASN A 135 8.95 -27.98 10.50
CA ASN A 135 9.79 -29.11 10.89
C ASN A 135 9.83 -29.46 12.37
N CYS A 136 9.17 -28.65 13.19
CA CYS A 136 9.22 -28.84 14.63
C CYS A 136 8.20 -27.98 15.32
N VAL A 137 7.77 -28.38 16.49
CA VAL A 137 7.01 -27.45 17.28
C VAL A 137 7.98 -26.76 18.20
N VAL A 138 7.96 -25.45 18.21
CA VAL A 138 8.81 -24.71 19.09
C VAL A 138 7.98 -24.32 20.31
N LYS A 139 8.44 -24.50 21.55
CA LYS A 139 7.62 -24.08 22.69
C LYS A 139 8.35 -23.11 23.59
N ILE A 140 7.89 -21.86 23.68
CA ILE A 140 8.55 -20.86 24.50
C ILE A 140 7.96 -20.70 25.88
N ASP A 141 8.77 -20.62 26.94
CA ASP A 141 8.20 -20.34 28.25
C ASP A 141 7.56 -18.97 28.19
N SER A 142 6.34 -18.83 28.69
CA SER A 142 5.49 -17.70 28.37
C SER A 142 6.09 -16.35 28.66
N LYS A 143 7.00 -16.28 29.62
CA LYS A 143 7.63 -14.99 29.94
C LYS A 143 8.44 -14.44 28.77
N LYS A 144 9.12 -15.32 28.04
CA LYS A 144 9.87 -14.91 26.86
C LYS A 144 8.95 -14.77 25.62
N ALA A 145 7.72 -15.24 25.70
CA ALA A 145 6.92 -15.39 24.48
C ALA A 145 6.46 -14.12 23.79
N ASP A 146 6.32 -12.99 24.48
CA ASP A 146 5.57 -11.88 23.88
C ASP A 146 6.14 -11.37 22.57
N THR A 147 7.44 -11.48 22.40
CA THR A 147 8.05 -10.96 21.20
C THR A 147 8.03 -11.89 19.98
N MET A 148 7.76 -13.18 20.18
CA MET A 148 7.86 -14.22 19.14
C MET A 148 6.92 -14.12 17.94
N SER A 149 7.44 -14.30 16.72
CA SER A 149 6.63 -14.13 15.51
C SER A 149 7.21 -14.90 14.33
N TYR A 150 6.50 -15.07 13.24
CA TYR A 150 7.09 -15.88 12.20
C TYR A 150 7.97 -15.00 11.40
N HIS A 151 8.94 -15.59 10.77
CA HIS A 151 9.79 -14.83 9.90
C HIS A 151 9.92 -15.67 8.63
N VAL A 152 8.76 -16.04 8.11
CA VAL A 152 8.57 -16.76 6.85
C VAL A 152 9.20 -16.00 5.72
N GLU A 153 9.92 -16.68 4.84
CA GLU A 153 10.38 -15.99 3.65
C GLU A 153 10.45 -16.88 2.45
N PRO A 154 9.76 -16.48 1.36
CA PRO A 154 9.64 -17.14 0.07
C PRO A 154 11.00 -17.20 -0.60
N ILE A 155 11.37 -18.23 -1.36
CA ILE A 155 12.74 -18.26 -1.89
C ILE A 155 13.00 -17.26 -3.04
N GLU A 156 14.00 -16.36 -2.92
CA GLU A 156 14.34 -15.45 -4.03
C GLU A 156 14.64 -16.45 -5.20
N ASP A 157 14.09 -16.22 -6.39
CA ASP A 157 14.48 -17.00 -7.58
C ASP A 157 15.06 -16.11 -8.67
N ALA A 158 16.35 -16.22 -8.94
CA ALA A 158 17.08 -15.20 -9.70
C ALA A 158 16.60 -14.98 -11.15
N SER A 159 16.06 -16.02 -11.78
CA SER A 159 15.56 -15.90 -13.14
C SER A 159 14.35 -14.99 -13.24
N LYS A 160 13.57 -14.91 -12.17
CA LYS A 160 12.41 -14.03 -12.13
C LYS A 160 12.78 -12.65 -11.67
N GLY A 161 14.05 -12.43 -11.36
CA GLY A 161 14.49 -11.14 -10.87
C GLY A 161 14.00 -10.83 -9.46
N CYS A 162 13.72 -11.87 -8.68
CA CYS A 162 13.06 -11.71 -7.38
C CYS A 162 13.87 -10.79 -6.50
N LEU A 163 13.18 -10.07 -5.64
CA LEU A 163 13.80 -9.38 -4.54
C LEU A 163 12.73 -9.39 -3.46
N HIS A 164 12.78 -10.32 -2.52
CA HIS A 164 11.58 -10.48 -1.71
C HIS A 164 11.48 -9.56 -0.50
N THR A 165 12.49 -8.78 -0.22
CA THR A 165 12.29 -7.83 0.85
C THR A 165 11.24 -6.78 0.44
N ARG A 166 10.97 -6.68 -0.85
CA ARG A 166 9.95 -5.76 -1.30
C ARG A 166 8.55 -6.29 -1.13
N THR A 167 8.38 -7.46 -0.51
CA THR A 167 7.02 -8.00 -0.31
C THR A 167 6.08 -7.02 0.31
N MET A 168 6.49 -6.38 1.39
CA MET A 168 5.60 -5.46 2.06
C MET A 168 5.13 -4.45 1.06
N MET A 169 6.04 -3.92 0.26
CA MET A 169 5.71 -2.88 -0.70
C MET A 169 4.66 -3.34 -1.66
N TRP A 170 4.73 -4.61 -2.03
CA TRP A 170 3.74 -5.21 -2.93
C TRP A 170 2.37 -5.14 -2.32
N ASN A 171 2.32 -5.53 -1.07
CA ASN A 171 1.09 -5.57 -0.37
C ASN A 171 0.60 -4.13 -0.32
N HIS A 172 1.49 -3.18 -0.08
CA HIS A 172 1.09 -1.78 0.01
C HIS A 172 0.57 -1.28 -1.32
N LEU A 173 1.14 -1.75 -2.42
CA LEU A 173 0.62 -1.36 -3.73
C LEU A 173 -0.80 -1.74 -3.84
N VAL A 174 -1.08 -3.01 -3.52
CA VAL A 174 -2.41 -3.51 -3.71
C VAL A 174 -3.37 -2.67 -2.88
N ARG A 175 -2.96 -2.24 -1.70
CA ARG A 175 -3.89 -1.58 -0.82
C ARG A 175 -4.24 -0.23 -1.34
N ILE A 176 -3.35 0.39 -2.11
CA ILE A 176 -3.63 1.73 -2.63
C ILE A 176 -4.02 1.73 -4.10
N GLU A 177 -4.51 0.60 -4.59
CA GLU A 177 -5.07 0.39 -5.94
C GLU A 177 -4.10 0.51 -7.11
N THR A 178 -2.89 0.01 -6.98
CA THR A 178 -1.98 0.18 -8.09
C THR A 178 -1.29 -1.14 -8.41
N PHE A 179 -2.07 -2.22 -8.33
CA PHE A 179 -1.61 -3.54 -8.73
C PHE A 179 -2.79 -4.25 -9.33
N HIS A 180 -3.81 -3.49 -9.68
CA HIS A 180 -5.02 -4.10 -10.16
C HIS A 180 -5.01 -4.24 -11.69
N ALA A 181 -5.72 -5.26 -12.14
CA ALA A 181 -6.08 -5.42 -13.52
C ALA A 181 -7.52 -4.93 -13.69
N ALA A 182 -7.79 -4.31 -14.83
CA ALA A 182 -9.09 -3.67 -15.05
C ALA A 182 -9.94 -4.45 -16.02
N GLN A 183 -11.18 -3.97 -16.18
CA GLN A 183 -12.14 -4.43 -17.17
C GLN A 183 -13.32 -3.49 -17.21
N GLU A 184 -13.78 -3.13 -18.39
CA GLU A 184 -14.90 -2.20 -18.54
C GLU A 184 -16.21 -2.83 -18.07
N VAL A 185 -17.11 -2.02 -17.52
CA VAL A 185 -18.40 -2.56 -17.08
C VAL A 185 -19.25 -3.01 -18.28
N ALA A 186 -19.98 -4.10 -18.08
CA ALA A 186 -20.71 -4.76 -19.16
C ALA A 186 -22.14 -5.06 -18.72
N TYR A 187 -23.05 -5.11 -19.69
CA TYR A 187 -24.42 -5.48 -19.39
C TYR A 187 -24.87 -6.61 -20.30
N THR A 188 -25.90 -7.32 -19.86
CA THR A 188 -26.64 -8.27 -20.71
C THR A 188 -28.06 -8.39 -20.13
N LEU A 189 -28.97 -9.04 -20.84
CA LEU A 189 -30.28 -9.33 -20.28
C LEU A 189 -30.13 -10.30 -19.08
N LYS A 190 -30.88 -10.12 -18.00
CA LYS A 190 -30.55 -10.90 -16.79
C LYS A 190 -31.29 -12.24 -16.58
N TYR A 406 -37.14 -3.09 -16.14
CA TYR A 406 -36.30 -2.83 -17.31
C TYR A 406 -35.54 -4.08 -17.71
N ILE A 407 -35.15 -4.15 -18.98
CA ILE A 407 -34.23 -5.20 -19.45
C ILE A 407 -32.79 -4.76 -19.13
N TYR A 408 -31.83 -5.68 -19.32
CA TYR A 408 -30.41 -5.44 -19.04
C TYR A 408 -30.10 -5.36 -17.55
N GLY A 409 -28.80 -5.39 -17.26
CA GLY A 409 -28.34 -5.41 -15.89
C GLY A 409 -26.86 -5.71 -15.91
N ARG A 410 -26.12 -5.01 -15.07
CA ARG A 410 -24.66 -5.04 -15.08
C ARG A 410 -24.13 -6.44 -14.82
N VAL A 411 -23.07 -6.82 -15.51
CA VAL A 411 -22.41 -8.06 -15.15
C VAL A 411 -20.89 -7.97 -15.23
N ASN A 412 -20.29 -8.12 -14.06
CA ASN A 412 -18.86 -8.01 -13.85
C ASN A 412 -18.06 -9.02 -14.69
N LEU A 413 -17.07 -8.51 -15.43
CA LEU A 413 -16.40 -9.29 -16.48
C LEU A 413 -15.32 -10.24 -16.00
N PHE A 414 -14.89 -10.12 -14.76
CA PHE A 414 -13.85 -11.03 -14.30
C PHE A 414 -14.40 -12.42 -14.19
N ASP A 415 -15.70 -12.54 -13.87
CA ASP A 415 -16.28 -13.86 -13.70
C ASP A 415 -17.61 -14.05 -14.46
N PHE A 416 -17.60 -13.67 -15.73
CA PHE A 416 -18.83 -13.66 -16.49
C PHE A 416 -19.26 -15.03 -17.02
N VAL A 417 -18.36 -16.01 -16.93
CA VAL A 417 -18.61 -17.39 -17.41
C VAL A 417 -19.39 -17.44 -18.74
N ALA A 418 -18.75 -16.97 -19.80
CA ALA A 418 -19.37 -16.97 -21.12
C ALA A 418 -18.32 -17.19 -22.19
N GLU A 419 -18.66 -17.99 -23.20
CA GLU A 419 -17.76 -18.40 -24.29
C GLU A 419 -17.52 -17.28 -25.31
N PRO A 420 -16.29 -17.17 -25.86
CA PRO A 420 -16.06 -16.08 -26.82
C PRO A 420 -16.97 -16.27 -28.02
N GLY A 421 -17.47 -15.20 -28.61
CA GLY A 421 -18.50 -15.39 -29.60
C GLY A 421 -19.89 -15.13 -29.06
N ILE A 422 -20.00 -14.57 -27.85
CA ILE A 422 -21.30 -14.05 -27.39
C ILE A 422 -21.23 -12.52 -27.13
N LYS A 423 -22.28 -11.80 -27.53
CA LYS A 423 -22.30 -10.35 -27.42
C LYS A 423 -22.61 -9.83 -26.02
N ILE A 424 -22.16 -8.60 -25.75
CA ILE A 424 -22.53 -7.82 -24.55
C ILE A 424 -22.69 -6.36 -24.93
N VAL A 425 -23.21 -5.54 -24.04
CA VAL A 425 -22.96 -4.12 -24.19
C VAL A 425 -21.94 -3.76 -23.13
N HIS A 426 -20.96 -2.97 -23.53
CA HIS A 426 -19.86 -2.61 -22.65
C HIS A 426 -19.39 -1.21 -22.97
N TRP A 427 -19.01 -0.48 -21.94
CA TRP A 427 -18.45 0.84 -22.11
C TRP A 427 -17.04 0.79 -22.62
N GLU A 428 -16.79 1.40 -23.77
CA GLU A 428 -15.43 1.70 -24.15
C GLU A 428 -15.04 2.87 -23.28
N TYR A 429 -13.76 3.04 -22.92
CA TYR A 429 -13.39 4.21 -22.12
C TYR A 429 -11.93 4.58 -22.28
N ARG A 430 -11.63 5.43 -23.26
CA ARG A 430 -10.26 5.88 -23.44
C ARG A 430 -10.06 7.28 -22.89
N LEU A 431 -8.80 7.67 -22.71
CA LEU A 431 -8.48 9.05 -22.37
C LEU A 431 -8.82 9.98 -23.54
N ASN A 432 -9.31 11.17 -23.23
CA ASN A 432 -9.80 12.05 -24.29
C ASN A 432 -8.66 12.29 -25.23
N HIS A 433 -7.48 12.43 -24.63
CA HIS A 433 -6.18 12.17 -25.26
C HIS A 433 -5.14 12.32 -24.20
N SER A 434 -4.50 11.24 -23.83
CA SER A 434 -3.31 11.34 -23.01
C SER A 434 -2.26 12.03 -23.85
N THR A 435 -1.39 12.78 -23.19
CA THR A 435 -0.20 13.37 -23.82
C THR A 435 -0.43 14.31 -25.00
N ARG A 436 -0.85 15.54 -24.72
CA ARG A 436 -0.81 16.63 -25.70
C ARG A 436 0.64 17.04 -25.92
N GLU A 437 0.92 17.65 -27.06
CA GLU A 437 2.25 18.17 -27.29
C GLU A 437 2.33 19.63 -26.85
N ILE A 438 2.25 19.86 -25.54
CA ILE A 438 2.01 21.21 -25.03
C ILE A 438 3.27 22.05 -24.86
N THR A 439 3.13 23.37 -24.89
CA THR A 439 4.24 24.25 -24.53
C THR A 439 3.89 25.12 -23.33
N TYR A 440 4.88 25.47 -22.51
CA TYR A 440 4.61 26.09 -21.22
C TYR A 440 3.88 27.43 -21.29
N ALA A 441 3.92 28.15 -22.41
CA ALA A 441 3.02 29.29 -22.57
C ALA A 441 1.55 28.86 -22.69
N GLN A 442 1.28 27.70 -23.32
CA GLN A 442 -0.04 27.08 -23.25
C GLN A 442 -0.13 26.48 -21.87
N GLY A 443 -0.95 25.47 -21.66
CA GLY A 443 -0.91 24.90 -20.35
C GLY A 443 -1.38 23.48 -20.21
N ASN A 444 -1.83 22.91 -21.31
CA ASN A 444 -2.77 21.82 -21.20
C ASN A 444 -3.97 22.30 -20.36
N PRO A 445 -4.55 23.48 -20.70
CA PRO A 445 -5.84 23.85 -20.10
C PRO A 445 -6.90 22.94 -20.64
N CYS A 446 -7.92 22.53 -19.90
CA CYS A 446 -8.79 21.53 -20.50
C CYS A 446 -9.99 22.15 -21.20
N ASP A 447 -9.79 22.66 -22.42
CA ASP A 447 -10.80 23.44 -23.10
C ASP A 447 -12.10 22.64 -23.24
N LEU A 448 -13.20 23.30 -22.93
CA LEU A 448 -14.46 22.60 -22.79
C LEU A 448 -15.17 22.41 -24.11
N TYR A 449 -14.56 22.90 -25.18
CA TYR A 449 -15.23 22.95 -26.46
C TYR A 449 -14.41 22.25 -27.53
N PRO A 450 -14.34 20.92 -27.47
CA PRO A 450 -13.73 20.18 -28.57
C PRO A 450 -14.54 20.37 -29.85
N GLU A 451 -13.87 20.44 -31.00
CA GLU A 451 -14.55 20.64 -32.27
C GLU A 451 -14.65 19.33 -33.04
N ASP A 452 -15.29 18.34 -32.43
CA ASP A 452 -15.50 17.05 -33.09
C ASP A 452 -16.96 16.87 -33.46
N ASP A 453 -17.21 16.38 -34.66
CA ASP A 453 -18.59 16.18 -35.11
C ASP A 453 -19.24 14.96 -34.47
N ASP A 454 -20.57 15.05 -34.29
CA ASP A 454 -21.47 13.98 -33.83
C ASP A 454 -20.99 13.21 -32.59
N VAL A 455 -20.35 13.91 -31.67
CA VAL A 455 -20.04 13.32 -30.37
C VAL A 455 -20.61 14.23 -29.30
N ILE A 456 -21.28 13.66 -28.30
CA ILE A 456 -21.80 14.49 -27.23
C ILE A 456 -20.67 15.06 -26.39
N VAL A 457 -20.73 16.33 -26.03
CA VAL A 457 -19.75 16.82 -25.07
C VAL A 457 -20.50 17.13 -23.81
N THR A 458 -19.85 16.99 -22.67
CA THR A 458 -20.49 17.35 -21.43
C THR A 458 -20.16 18.79 -21.13
N LYS A 459 -21.14 19.55 -20.66
CA LYS A 459 -20.89 20.95 -20.42
C LYS A 459 -21.11 21.23 -18.95
N PHE A 460 -20.38 22.20 -18.41
CA PHE A 460 -20.74 22.72 -17.10
C PHE A 460 -22.01 23.52 -17.18
N ASP A 461 -22.90 23.36 -16.22
CA ASP A 461 -24.15 24.11 -16.20
C ASP A 461 -23.99 25.43 -15.43
N ASP A 462 -23.95 26.55 -16.13
CA ASP A 462 -23.56 27.80 -15.48
C ASP A 462 -24.46 28.23 -14.33
N VAL A 463 -25.76 28.01 -14.45
CA VAL A 463 -26.68 28.45 -13.42
C VAL A 463 -26.50 27.64 -12.14
N ALA A 464 -26.16 26.35 -12.27
CA ALA A 464 -25.92 25.51 -11.09
C ALA A 464 -24.55 25.76 -10.48
N TYR A 465 -23.53 25.85 -11.35
CA TYR A 465 -22.17 26.09 -10.89
C TYR A 465 -22.09 27.46 -10.19
N GLY A 466 -22.85 28.44 -10.67
CA GLY A 466 -22.83 29.74 -10.02
C GLY A 466 -23.43 29.67 -8.63
N GLN A 467 -24.52 28.92 -8.50
CA GLN A 467 -25.17 28.77 -7.20
C GLN A 467 -24.23 28.07 -6.25
N MET A 468 -23.49 27.10 -6.76
CA MET A 468 -22.57 26.37 -5.91
C MET A 468 -21.55 27.35 -5.38
N ILE A 469 -20.95 28.12 -6.28
CA ILE A 469 -19.88 29.01 -5.83
C ILE A 469 -20.37 30.05 -4.82
N ASN A 470 -21.61 30.52 -4.96
CA ASN A 470 -22.17 31.45 -3.94
C ASN A 470 -22.45 30.81 -2.60
N GLU A 471 -22.93 29.56 -2.65
CA GLU A 471 -23.17 28.83 -1.42
C GLU A 471 -21.86 28.64 -0.72
N MET A 472 -20.80 28.52 -1.52
CA MET A 472 -19.46 28.23 -1.00
C MET A 472 -18.84 29.49 -0.42
N ILE A 473 -18.87 30.57 -1.17
CA ILE A 473 -18.33 31.84 -0.69
C ILE A 473 -19.08 32.31 0.57
N ASN A 474 -20.36 31.94 0.72
CA ASN A 474 -21.05 32.31 1.95
C ASN A 474 -20.91 31.33 3.10
N GLY A 475 -21.45 30.13 2.94
CA GLY A 475 -21.48 29.15 4.00
C GLY A 475 -20.22 28.30 4.15
N GLY A 476 -19.20 28.58 3.36
CA GLY A 476 -17.97 27.78 3.38
C GLY A 476 -18.16 26.58 2.48
N TRP A 477 -17.10 25.83 2.20
CA TRP A 477 -17.27 24.64 1.36
C TRP A 477 -18.09 23.52 2.01
N ASN A 478 -19.00 22.94 1.24
CA ASN A 478 -19.85 21.87 1.73
C ASN A 478 -19.59 20.53 1.05
N GLN A 479 -18.83 19.70 1.75
CA GLN A 479 -18.42 18.41 1.24
C GLN A 479 -19.59 17.51 1.04
N GLU A 480 -20.56 17.63 1.92
CA GLU A 480 -21.68 16.72 1.93
C GLU A 480 -22.60 16.93 0.72
N GLN A 481 -22.94 18.19 0.49
CA GLN A 481 -24.05 18.53 -0.40
C GLN A 481 -23.62 19.06 -1.77
N PHE A 482 -22.40 19.57 -1.90
CA PHE A 482 -21.83 19.88 -3.22
C PHE A 482 -21.62 18.60 -4.02
N LYS A 483 -21.73 18.63 -5.33
CA LYS A 483 -21.62 17.38 -6.10
C LYS A 483 -21.14 17.63 -7.51
N MET A 484 -20.26 16.78 -8.00
CA MET A 484 -19.80 17.00 -9.36
C MET A 484 -20.88 16.77 -10.39
N HIS A 485 -21.78 15.84 -10.15
CA HIS A 485 -22.82 15.57 -11.14
C HIS A 485 -23.80 16.74 -11.23
N LYS A 486 -23.92 17.47 -10.12
CA LYS A 486 -24.93 18.51 -9.97
C LYS A 486 -24.64 19.74 -10.77
N ILE A 487 -23.40 19.91 -11.22
CA ILE A 487 -23.11 21.10 -12.01
C ILE A 487 -22.84 20.78 -13.50
N LEU A 488 -23.21 19.59 -13.92
CA LEU A 488 -23.13 19.28 -15.35
C LEU A 488 -24.51 19.25 -16.02
N LYS A 489 -24.61 19.85 -17.21
CA LYS A 489 -25.88 19.85 -17.94
C LYS A 489 -26.29 18.41 -18.18
N SER A 490 -27.57 18.11 -18.02
CA SER A 490 -28.04 16.73 -17.92
C SER A 490 -27.91 15.98 -19.23
N GLU A 491 -27.77 16.73 -20.33
CA GLU A 491 -27.76 16.16 -21.67
C GLU A 491 -26.42 16.34 -22.38
N GLY A 492 -25.51 15.39 -22.20
CA GLY A 492 -25.76 14.26 -21.34
C GLY A 492 -24.54 14.02 -20.47
N ASN A 493 -24.64 14.37 -19.20
CA ASN A 493 -23.47 14.32 -18.31
C ASN A 493 -23.02 12.92 -17.92
N VAL A 494 -21.71 12.70 -17.82
CA VAL A 494 -21.24 11.37 -17.52
C VAL A 494 -21.63 10.84 -16.15
N LEU A 495 -21.73 11.70 -15.15
CA LEU A 495 -21.92 11.21 -13.80
C LEU A 495 -23.33 10.75 -13.49
N THR A 496 -24.29 11.15 -14.30
CA THR A 496 -25.64 10.73 -14.00
C THR A 496 -26.05 9.53 -14.85
N ILE A 497 -25.52 9.43 -16.06
CA ILE A 497 -26.07 8.44 -16.98
C ILE A 497 -25.83 7.06 -16.45
N ASP A 498 -26.76 6.18 -16.77
CA ASP A 498 -26.77 4.82 -16.28
C ASP A 498 -27.25 3.96 -17.43
N PHE A 499 -27.04 2.66 -17.37
CA PHE A 499 -27.54 1.88 -18.47
C PHE A 499 -28.68 0.97 -18.05
N GLU A 500 -28.65 0.44 -16.85
CA GLU A 500 -29.79 -0.39 -16.45
C GLU A 500 -31.04 0.48 -16.29
N LYS A 501 -30.86 1.78 -16.07
CA LYS A 501 -31.99 2.66 -15.85
C LYS A 501 -32.31 3.53 -17.07
N ASP A 502 -31.61 3.31 -18.17
CA ASP A 502 -31.79 4.18 -19.34
C ASP A 502 -32.28 3.48 -20.60
N ALA A 503 -32.10 2.15 -20.67
CA ALA A 503 -32.67 1.36 -21.76
C ALA A 503 -34.06 0.83 -21.36
N LYS A 504 -35.09 1.64 -21.60
CA LYS A 504 -36.42 1.41 -21.04
C LYS A 504 -37.16 0.23 -21.69
N LEU A 505 -38.22 -0.22 -21.03
CA LEU A 505 -38.91 -1.48 -21.35
C LEU A 505 -39.49 -1.60 -22.79
N THR A 506 -40.36 -0.72 -23.30
CA THR A 506 -41.07 0.36 -22.61
C THR A 506 -42.58 0.09 -22.57
N THR A 507 -43.32 0.61 -23.55
CA THR A 507 -44.69 0.18 -23.84
C THR A 507 -44.85 -0.05 -25.34
N ASN A 508 -44.23 0.81 -26.13
CA ASN A 508 -44.24 0.67 -27.59
C ASN A 508 -43.15 1.48 -28.31
N GLU A 509 -42.60 0.90 -29.39
CA GLU A 509 -42.86 -0.49 -29.72
C GLU A 509 -41.85 -1.38 -28.97
N GLY A 510 -40.95 -0.75 -28.22
CA GLY A 510 -40.05 -1.47 -27.33
C GLY A 510 -38.58 -1.44 -27.73
N VAL A 511 -37.74 -2.09 -26.92
CA VAL A 511 -36.26 -2.09 -27.05
C VAL A 511 -35.70 -0.74 -27.54
N THR A 512 -35.86 0.31 -26.73
CA THR A 512 -35.33 1.62 -27.10
C THR A 512 -34.09 2.04 -26.28
N MET A 513 -32.91 1.97 -26.90
CA MET A 513 -31.65 2.31 -26.24
C MET A 513 -31.46 3.82 -26.14
N PRO A 514 -30.85 4.28 -25.03
CA PRO A 514 -30.73 5.70 -24.67
C PRO A 514 -29.92 6.49 -25.68
N GLU A 515 -30.29 7.75 -25.90
CA GLU A 515 -29.79 8.48 -27.03
C GLU A 515 -28.33 8.85 -26.91
N TYR A 516 -27.45 7.85 -26.84
CA TYR A 516 -26.01 8.07 -26.92
C TYR A 516 -25.30 6.75 -27.15
N PHE A 517 -26.06 5.77 -27.61
CA PHE A 517 -25.70 4.38 -27.47
C PHE A 517 -24.67 3.91 -28.50
N ASN A 518 -24.31 4.76 -29.44
CA ASN A 518 -23.13 4.44 -30.22
C ASN A 518 -22.17 5.63 -30.24
N LYS A 519 -22.68 6.81 -29.93
CA LYS A 519 -21.91 8.04 -30.01
C LYS A 519 -20.85 8.13 -28.92
N TRP A 520 -19.76 8.85 -29.20
CA TRP A 520 -18.59 8.88 -28.32
C TRP A 520 -18.64 9.56 -26.95
N ILE A 521 -19.46 10.59 -26.74
CA ILE A 521 -19.44 11.35 -25.47
C ILE A 521 -18.06 11.82 -24.94
N ILE A 522 -17.38 12.72 -25.63
CA ILE A 522 -16.19 13.31 -25.06
C ILE A 522 -16.56 14.08 -23.80
N ALA A 523 -15.76 13.93 -22.75
CA ALA A 523 -16.01 14.56 -21.47
C ALA A 523 -14.74 15.24 -21.02
N PRO A 524 -14.46 16.44 -21.56
CA PRO A 524 -13.15 17.11 -21.43
C PRO A 524 -12.71 17.40 -19.99
N MET A 525 -13.65 17.67 -19.08
CA MET A 525 -13.31 17.93 -17.68
C MET A 525 -12.68 16.72 -17.03
N PHE A 526 -13.08 15.53 -17.45
CA PHE A 526 -12.48 14.34 -16.92
C PHE A 526 -11.41 13.81 -17.87
N ASN A 527 -11.16 14.54 -18.94
CA ASN A 527 -10.24 14.07 -19.98
C ASN A 527 -10.67 12.66 -20.45
N ALA A 528 -11.95 12.34 -20.32
CA ALA A 528 -12.47 11.03 -20.68
C ALA A 528 -13.06 11.04 -22.07
N LYS A 529 -13.48 9.88 -22.56
CA LYS A 529 -14.02 9.76 -23.92
C LYS A 529 -14.84 8.48 -24.08
N LEU A 530 -15.54 8.07 -23.03
CA LEU A 530 -16.27 6.80 -23.03
C LEU A 530 -17.52 6.73 -23.90
N ARG A 531 -17.75 5.59 -24.58
CA ARG A 531 -19.01 5.32 -25.28
C ARG A 531 -19.49 3.88 -25.15
N ILE A 532 -20.80 3.66 -25.03
CA ILE A 532 -21.32 2.29 -24.95
C ILE A 532 -21.49 1.70 -26.31
N LYS A 533 -21.63 0.40 -26.38
CA LYS A 533 -21.55 -0.26 -27.65
C LYS A 533 -22.01 -1.69 -27.48
N HIS A 534 -22.28 -2.36 -28.60
CA HIS A 534 -22.31 -3.80 -28.60
C HIS A 534 -20.92 -4.34 -28.91
N GLU A 535 -20.50 -5.36 -28.17
CA GLU A 535 -19.20 -5.92 -28.45
C GLU A 535 -19.15 -7.40 -28.19
N GLU A 536 -18.51 -8.09 -29.13
CA GLU A 536 -18.12 -9.47 -29.01
C GLU A 536 -17.06 -9.62 -27.93
N ILE A 537 -17.15 -10.64 -27.08
CA ILE A 537 -16.06 -10.92 -26.14
C ILE A 537 -15.10 -11.97 -26.70
N ALA A 538 -13.89 -11.99 -26.17
CA ALA A 538 -12.90 -13.00 -26.54
C ALA A 538 -12.40 -13.75 -25.30
N GLN A 539 -11.44 -14.66 -25.51
CA GLN A 539 -10.68 -15.25 -24.42
C GLN A 539 -11.48 -16.03 -23.36
N ARG A 540 -12.80 -16.09 -23.52
CA ARG A 540 -13.72 -16.69 -22.55
C ARG A 540 -13.41 -16.21 -21.13
N GLN A 541 -13.92 -16.91 -20.12
CA GLN A 541 -13.58 -16.58 -18.74
C GLN A 541 -12.33 -17.31 -18.30
N SER A 542 -11.64 -16.73 -17.31
CA SER A 542 -10.54 -17.41 -16.66
C SER A 542 -10.23 -16.77 -15.31
N ASP A 543 -9.65 -17.55 -14.42
CA ASP A 543 -9.24 -17.03 -13.13
C ASP A 543 -7.81 -16.48 -13.21
N ASP A 544 -7.62 -15.33 -13.85
CA ASP A 544 -6.48 -14.45 -13.60
C ASP A 544 -6.60 -13.20 -14.43
N PRO A 545 -7.23 -12.17 -13.86
CA PRO A 545 -7.04 -10.92 -14.59
C PRO A 545 -5.56 -10.66 -14.50
N MET A 546 -4.93 -10.01 -15.47
CA MET A 546 -5.61 -9.47 -16.60
C MET A 546 -5.52 -10.49 -17.67
N VAL A 547 -6.65 -11.08 -18.02
CA VAL A 547 -6.72 -11.63 -19.34
C VAL A 547 -7.90 -10.88 -19.86
N LYS A 548 -7.65 -9.99 -20.81
CA LYS A 548 -8.68 -9.05 -21.25
C LYS A 548 -9.85 -9.81 -21.85
N ARG A 549 -11.03 -9.39 -21.45
CA ARG A 549 -12.19 -10.25 -21.52
C ARG A 549 -13.03 -9.98 -22.75
N THR A 550 -12.50 -9.20 -23.69
CA THR A 550 -13.29 -8.74 -24.83
C THR A 550 -12.40 -8.17 -25.95
N LEU A 551 -12.86 -8.16 -27.18
CA LEU A 551 -12.18 -7.38 -28.21
C LEU A 551 -12.32 -5.91 -27.86
N SER A 552 -11.28 -5.11 -28.12
CA SER A 552 -11.25 -3.69 -27.75
C SER A 552 -11.46 -3.47 -26.25
N PRO A 553 -10.51 -3.94 -25.43
CA PRO A 553 -10.66 -3.90 -23.98
C PRO A 553 -10.12 -2.60 -23.41
N ILE A 554 -10.00 -2.47 -22.09
CA ILE A 554 -9.40 -1.25 -21.57
C ILE A 554 -8.01 -1.50 -21.02
N THR A 555 -7.26 -0.41 -20.88
CA THR A 555 -5.80 -0.39 -20.96
C THR A 555 -5.08 -1.29 -19.99
N ALA A 556 -3.94 -1.81 -20.40
CA ALA A 556 -3.11 -2.57 -19.48
C ALA A 556 -2.38 -1.69 -18.45
N ASP A 557 -1.68 -0.64 -18.88
CA ASP A 557 -0.65 -0.04 -18.01
C ASP A 557 -1.19 0.63 -16.76
N PRO A 558 -0.59 0.26 -15.62
CA PRO A 558 -1.12 0.64 -14.31
C PRO A 558 -1.18 2.16 -14.08
N ILE A 559 -0.28 2.96 -14.63
CA ILE A 559 -0.39 4.38 -14.36
C ILE A 559 -1.44 5.01 -15.26
N GLU A 560 -1.96 4.24 -16.21
CA GLU A 560 -3.10 4.70 -17.00
C GLU A 560 -4.37 4.57 -16.21
N LEU A 561 -4.50 3.44 -15.51
CA LEU A 561 -5.62 3.22 -14.65
C LEU A 561 -5.67 4.27 -13.56
N GLN A 562 -4.53 4.80 -13.14
CA GLN A 562 -4.55 5.88 -12.18
C GLN A 562 -5.15 7.15 -12.80
N ARG A 563 -5.22 7.19 -14.13
CA ARG A 563 -5.83 8.31 -14.80
C ARG A 563 -7.29 8.20 -15.17
N LEU A 564 -7.91 7.05 -14.95
CA LEU A 564 -9.29 6.97 -15.40
C LEU A 564 -10.25 7.40 -14.30
N THR A 565 -10.25 8.70 -13.96
CA THR A 565 -11.01 9.21 -12.81
C THR A 565 -12.38 8.61 -12.67
N LEU A 566 -13.19 8.74 -13.71
CA LEU A 566 -14.52 8.12 -13.69
C LEU A 566 -14.32 6.66 -13.49
N ALA A 567 -14.74 6.12 -12.35
CA ALA A 567 -14.63 4.68 -12.17
C ALA A 567 -15.98 4.01 -12.11
N ARG A 568 -17.01 4.66 -12.64
CA ARG A 568 -18.26 3.96 -12.80
C ARG A 568 -18.10 3.04 -13.98
N PHE A 569 -17.08 3.28 -14.77
CA PHE A 569 -17.08 2.65 -16.07
C PHE A 569 -16.18 1.45 -16.17
N TYR A 570 -15.61 1.01 -15.06
CA TYR A 570 -14.77 -0.17 -15.14
C TYR A 570 -14.59 -0.80 -13.79
N ASP A 571 -14.32 -2.10 -13.76
CA ASP A 571 -14.03 -2.78 -12.51
C ASP A 571 -12.58 -3.20 -12.49
N ILE A 572 -12.01 -3.24 -11.29
CA ILE A 572 -10.65 -3.69 -11.11
C ILE A 572 -10.64 -4.70 -9.99
N ARG A 573 -9.85 -5.76 -10.10
CA ARG A 573 -9.56 -6.54 -8.91
C ARG A 573 -8.04 -6.73 -8.89
N PRO A 574 -7.44 -6.91 -7.71
CA PRO A 574 -5.98 -6.97 -7.65
C PRO A 574 -5.46 -8.12 -8.50
N ALA A 575 -4.36 -7.94 -9.21
CA ALA A 575 -4.00 -8.94 -10.21
C ALA A 575 -3.25 -10.10 -9.60
N LEU A 576 -3.96 -10.94 -8.84
CA LEU A 576 -3.37 -12.18 -8.30
C LEU A 576 -4.19 -13.36 -8.85
N ARG A 577 -3.73 -14.60 -8.64
CA ARG A 577 -4.37 -15.73 -9.31
C ARG A 577 -4.37 -17.05 -8.53
N GLY A 578 -5.55 -17.55 -8.16
CA GLY A 578 -5.65 -18.87 -7.53
C GLY A 578 -5.61 -18.97 -6.01
N GLN A 579 -5.33 -20.17 -5.52
CA GLN A 579 -5.41 -20.48 -4.09
C GLN A 579 -4.53 -19.61 -3.21
N ALA A 580 -5.00 -19.28 -2.01
CA ALA A 580 -4.17 -18.59 -1.02
C ALA A 580 -3.06 -19.50 -0.51
N LEU A 581 -3.40 -20.72 -0.10
CA LEU A 581 -2.36 -21.69 0.25
C LEU A 581 -2.18 -22.66 -0.88
N SER A 582 -1.20 -22.43 -1.71
CA SER A 582 -0.81 -23.48 -2.63
C SER A 582 0.66 -23.67 -2.45
N ARG A 583 1.16 -24.88 -2.64
CA ARG A 583 2.58 -25.01 -2.47
C ARG A 583 3.25 -24.52 -3.74
N GLN A 584 2.49 -24.43 -4.83
CA GLN A 584 3.09 -24.12 -6.12
C GLN A 584 2.03 -23.90 -7.18
N GLN A 585 2.00 -22.72 -7.77
CA GLN A 585 1.00 -22.50 -8.80
C GLN A 585 1.49 -21.48 -9.78
N ALA A 586 0.99 -21.59 -11.01
CA ALA A 586 1.37 -20.66 -12.05
C ALA A 586 0.90 -19.29 -11.63
N GLN A 587 1.74 -18.30 -11.94
CA GLN A 587 1.52 -16.91 -11.61
C GLN A 587 0.50 -16.24 -12.52
N SER A 588 -0.19 -15.21 -12.04
CA SER A 588 -1.00 -14.39 -12.93
C SER A 588 -0.14 -13.75 -14.02
N THR A 589 -0.67 -13.55 -15.23
CA THR A 589 0.17 -13.08 -16.33
C THR A 589 0.42 -11.59 -16.26
N TYR A 590 -0.17 -10.94 -15.27
CA TYR A 590 -0.08 -9.49 -15.16
C TYR A 590 1.33 -8.96 -15.07
N ASP A 591 2.25 -9.71 -14.46
CA ASP A 591 3.61 -9.21 -14.28
C ASP A 591 4.33 -9.17 -15.59
N GLU A 592 4.25 -10.29 -16.30
CA GLU A 592 4.90 -10.41 -17.58
C GLU A 592 4.25 -9.46 -18.57
N GLU A 593 2.98 -9.12 -18.33
CA GLU A 593 2.26 -8.15 -19.16
C GLU A 593 2.58 -6.70 -18.89
N ILE A 594 2.99 -6.39 -17.66
CA ILE A 594 3.50 -5.06 -17.35
C ILE A 594 4.87 -4.98 -17.97
N SER A 595 5.53 -6.13 -18.05
CA SER A 595 6.89 -6.21 -18.54
C SER A 595 7.03 -5.79 -19.99
N LYS A 596 6.00 -6.01 -20.81
CA LYS A 596 6.16 -5.70 -22.21
C LYS A 596 5.98 -4.23 -22.46
N ARG A 597 5.57 -3.50 -21.42
CA ARG A 597 5.39 -2.07 -21.54
C ARG A 597 6.67 -1.40 -22.00
N GLN A 598 6.55 -0.38 -22.85
CA GLN A 598 7.69 0.47 -23.17
C GLN A 598 8.01 1.22 -21.89
N ASP A 599 9.28 1.60 -21.71
CA ASP A 599 9.71 2.36 -20.52
C ASP A 599 9.86 1.42 -19.31
N TYR A 600 9.82 0.12 -19.56
CA TYR A 600 10.02 -0.86 -18.51
C TYR A 600 11.45 -1.01 -18.11
N ALA A 601 12.29 -1.21 -19.12
CA ALA A 601 13.71 -1.37 -18.92
C ALA A 601 14.31 -0.15 -18.25
N GLU A 602 13.95 1.01 -18.83
CA GLU A 602 14.45 2.30 -18.38
C GLU A 602 14.06 2.66 -16.93
N ILE A 603 12.83 2.35 -16.52
CA ILE A 603 12.43 2.63 -15.15
C ILE A 603 12.95 1.56 -14.21
N LEU A 604 13.13 0.35 -14.70
CA LEU A 604 13.74 -0.62 -13.82
C LEU A 604 15.20 -0.25 -13.54
N LYS A 605 15.88 0.42 -14.46
CA LYS A 605 17.27 0.72 -14.17
C LYS A 605 17.42 1.57 -12.92
N ARG A 606 16.47 2.49 -12.68
CA ARG A 606 16.49 3.33 -11.47
C ARG A 606 16.34 2.50 -10.23
N ARG A 607 15.70 1.35 -10.39
CA ARG A 607 15.49 0.47 -9.27
C ARG A 607 16.73 -0.32 -8.94
N GLY A 608 17.77 -0.16 -9.76
CA GLY A 608 18.99 -0.91 -9.58
C GLY A 608 18.85 -2.30 -10.16
N ILE A 609 17.74 -2.57 -10.84
CA ILE A 609 17.64 -3.78 -11.62
C ILE A 609 18.26 -3.51 -12.98
N VAL A 610 19.54 -3.80 -13.15
CA VAL A 610 20.06 -3.91 -14.49
C VAL A 610 19.39 -5.14 -15.05
N GLN A 611 19.19 -5.17 -16.35
CA GLN A 611 18.18 -6.00 -16.99
C GLN A 611 18.35 -7.51 -16.72
N ILE A 612 17.28 -8.33 -16.73
CA ILE A 612 15.82 -8.04 -16.73
C ILE A 612 15.12 -9.40 -16.71
N PRO A 613 14.16 -9.58 -15.80
CA PRO A 613 13.46 -10.86 -15.70
C PRO A 613 12.66 -11.11 -16.96
N LYS A 614 12.53 -12.36 -17.37
CA LYS A 614 11.71 -12.68 -18.54
C LYS A 614 10.30 -13.05 -18.13
N LYS A 615 10.17 -13.53 -16.89
CA LYS A 615 8.88 -13.76 -16.25
C LYS A 615 8.96 -13.13 -14.88
N PRO A 616 8.75 -11.81 -14.77
CA PRO A 616 9.04 -11.07 -13.54
C PRO A 616 8.29 -11.58 -12.35
N CYS A 617 8.92 -11.61 -11.18
CA CYS A 617 8.22 -11.90 -9.93
C CYS A 617 7.41 -10.67 -9.57
N PRO A 618 6.34 -10.81 -8.75
CA PRO A 618 5.52 -9.61 -8.53
C PRO A 618 6.36 -8.46 -8.07
N THR A 619 7.28 -8.66 -7.15
CA THR A 619 8.05 -7.55 -6.59
C THR A 619 8.86 -6.77 -7.64
N VAL A 620 9.22 -7.40 -8.75
CA VAL A 620 9.80 -6.62 -9.82
C VAL A 620 8.80 -5.61 -10.31
N THR A 621 7.61 -6.06 -10.67
CA THR A 621 6.61 -5.14 -11.18
C THR A 621 6.02 -4.29 -10.08
N ALA A 622 6.23 -4.65 -8.83
CA ALA A 622 5.80 -3.76 -7.78
C ALA A 622 6.74 -2.61 -7.82
N GLN A 623 8.03 -2.91 -7.92
CA GLN A 623 9.06 -1.87 -7.96
C GLN A 623 8.88 -0.96 -9.16
N TYR A 624 8.60 -1.57 -10.29
CA TYR A 624 8.35 -0.81 -11.47
C TYR A 624 7.19 0.09 -11.24
N THR A 625 6.07 -0.49 -10.85
CA THR A 625 4.87 0.29 -10.74
C THR A 625 5.08 1.47 -9.84
N LEU A 626 5.57 1.26 -8.63
CA LEU A 626 5.63 2.39 -7.73
C LEU A 626 6.65 3.44 -8.19
N GLU A 627 7.73 3.04 -8.85
CA GLU A 627 8.70 4.04 -9.27
C GLU A 627 8.18 4.88 -10.43
N ARG A 628 7.61 4.23 -11.44
CA ARG A 628 7.02 4.97 -12.52
C ARG A 628 5.87 5.81 -12.04
N TYR A 629 5.15 5.32 -11.04
CA TYR A 629 4.06 6.10 -10.50
C TYR A 629 4.60 7.38 -9.96
N ALA A 630 5.61 7.29 -9.10
CA ALA A 630 6.20 8.49 -8.52
C ALA A 630 6.66 9.44 -9.61
N LEU A 631 7.34 8.92 -10.64
CA LEU A 631 7.82 9.83 -11.66
C LEU A 631 6.68 10.56 -12.32
N PHE A 632 5.59 9.85 -12.48
CA PHE A 632 4.45 10.38 -13.18
C PHE A 632 3.78 11.47 -12.39
N ILE A 633 3.63 11.24 -11.08
CA ILE A 633 2.99 12.21 -10.18
C ILE A 633 3.82 13.46 -10.08
N ILE A 634 5.14 13.32 -10.13
CA ILE A 634 5.96 14.52 -10.07
C ILE A 634 5.90 15.27 -11.37
N SER A 635 6.06 14.58 -12.50
CA SER A 635 6.04 15.30 -13.77
C SER A 635 4.70 15.99 -13.96
N ILE A 636 3.63 15.38 -13.45
CA ILE A 636 2.33 16.05 -13.46
C ILE A 636 2.34 17.31 -12.63
N LEU A 637 2.85 17.18 -11.40
CA LEU A 637 2.65 18.24 -10.44
C LEU A 637 3.60 19.38 -10.56
N GLN A 638 4.72 19.16 -11.25
CA GLN A 638 5.72 20.19 -11.40
C GLN A 638 5.19 21.40 -12.12
N GLN A 639 4.15 21.17 -12.91
CA GLN A 639 3.55 22.21 -13.72
C GLN A 639 2.76 23.25 -12.95
N HIS A 640 2.37 22.94 -11.72
CA HIS A 640 1.59 23.91 -10.99
C HIS A 640 2.41 24.95 -10.22
N VAL A 641 3.69 24.67 -9.99
CA VAL A 641 4.61 25.69 -9.58
C VAL A 641 5.03 26.50 -10.80
N VAL A 642 5.43 27.75 -10.63
CA VAL A 642 6.05 28.58 -11.69
C VAL A 642 7.44 28.09 -12.15
N ARG A 643 7.79 28.22 -13.44
CA ARG A 643 8.93 27.44 -13.90
C ARG A 643 10.19 28.18 -14.33
N ASP A 644 10.06 29.42 -14.81
CA ASP A 644 11.23 30.21 -15.22
C ASP A 644 12.13 29.48 -16.23
N CYS A 645 11.59 29.28 -17.42
CA CYS A 645 12.30 28.69 -18.55
C CYS A 645 11.57 29.14 -19.80
N ASP A 646 12.15 28.90 -20.98
CA ASP A 646 11.49 29.32 -22.21
C ASP A 646 10.16 28.60 -22.39
N GLU A 647 9.13 29.35 -22.74
CA GLU A 647 7.84 28.77 -23.03
C GLU A 647 7.82 28.34 -24.49
N GLU A 648 8.83 28.76 -25.23
CA GLU A 648 8.96 28.35 -26.62
C GLU A 648 9.72 27.05 -26.70
N ALA A 649 9.18 26.01 -26.07
CA ALA A 649 9.76 24.68 -26.17
C ALA A 649 8.66 23.69 -25.97
N VAL A 650 8.19 23.07 -27.05
CA VAL A 650 7.12 22.11 -26.93
C VAL A 650 7.65 20.82 -26.30
N TYR A 651 6.81 20.14 -25.52
CA TYR A 651 7.19 18.89 -24.89
C TYR A 651 5.93 18.08 -24.59
N GLU A 652 6.07 16.77 -24.47
CA GLU A 652 4.91 15.89 -24.34
C GLU A 652 4.48 15.97 -22.89
N HIS A 653 3.22 16.30 -22.57
CA HIS A 653 3.03 16.78 -21.20
C HIS A 653 2.91 15.75 -20.10
N PRO A 654 1.93 14.84 -20.18
CA PRO A 654 2.00 14.12 -18.90
C PRO A 654 2.93 12.91 -18.93
N LYS A 655 3.99 12.98 -19.74
CA LYS A 655 5.10 12.01 -19.72
C LYS A 655 5.86 12.06 -18.41
N ALA A 656 6.19 10.87 -17.87
CA ALA A 656 7.07 10.64 -16.70
C ALA A 656 8.53 10.90 -17.05
N ASP A 657 9.38 11.20 -16.06
CA ASP A 657 10.73 11.64 -16.41
C ASP A 657 11.89 10.63 -16.58
N HIS A 658 11.95 9.55 -15.79
CA HIS A 658 13.05 8.55 -15.84
C HIS A 658 14.44 9.13 -15.53
N GLU A 659 14.77 10.24 -16.16
CA GLU A 659 16.06 10.87 -15.95
C GLU A 659 16.02 11.71 -14.71
N LEU A 660 14.85 11.77 -14.07
CA LEU A 660 14.66 12.66 -12.94
C LEU A 660 15.65 12.33 -11.86
N GLU A 661 16.13 13.33 -11.14
CA GLU A 661 17.35 13.18 -10.39
C GLU A 661 17.24 12.54 -8.99
N ILE A 662 16.04 12.28 -8.47
CA ILE A 662 15.85 12.02 -7.03
C ILE A 662 16.66 10.88 -6.40
N PHE A 663 17.11 11.06 -5.15
CA PHE A 663 17.91 10.09 -4.38
C PHE A 663 17.80 10.36 -2.87
N GLY A 664 18.03 9.40 -1.98
CA GLY A 664 18.49 8.07 -2.32
C GLY A 664 17.98 7.00 -1.40
N GLU A 665 16.95 7.30 -0.62
CA GLU A 665 16.22 6.24 0.02
C GLU A 665 15.18 5.70 -0.95
N SER A 666 15.30 4.44 -1.35
CA SER A 666 14.46 3.89 -2.43
C SER A 666 12.97 3.88 -2.10
N ILE A 667 12.16 4.25 -3.10
CA ILE A 667 10.72 4.46 -2.94
C ILE A 667 9.94 3.23 -2.52
N VAL A 668 8.99 3.34 -1.59
CA VAL A 668 8.41 2.12 -1.07
C VAL A 668 6.98 2.30 -0.57
N ASP A 669 6.45 3.52 -0.66
CA ASP A 669 5.21 3.91 -0.01
C ASP A 669 4.66 5.16 -0.67
N ILE A 670 3.35 5.30 -0.90
CA ILE A 670 2.97 6.59 -1.50
C ILE A 670 3.19 7.73 -0.54
N SER A 671 3.19 7.47 0.75
CA SER A 671 3.43 8.54 1.71
C SER A 671 4.80 9.19 1.53
N GLN A 672 5.71 8.32 1.12
CA GLN A 672 7.05 8.70 0.72
C GLN A 672 7.06 9.55 -0.53
N VAL A 673 6.26 9.16 -1.52
CA VAL A 673 6.09 9.94 -2.73
C VAL A 673 5.38 11.23 -2.45
N ILE A 674 4.59 11.31 -1.40
CA ILE A 674 3.88 12.54 -1.13
C ILE A 674 4.83 13.49 -0.42
N ILE A 675 5.54 12.96 0.55
CA ILE A 675 6.52 13.77 1.22
C ILE A 675 7.43 14.27 0.15
N LEU A 676 7.70 13.45 -0.87
CA LEU A 676 8.60 13.83 -1.95
C LEU A 676 7.97 14.85 -2.87
N ALA A 677 6.67 14.76 -3.14
CA ALA A 677 6.05 15.72 -4.05
C ALA A 677 6.27 17.08 -3.45
N PHE A 678 6.09 17.24 -2.15
CA PHE A 678 6.34 18.56 -1.55
C PHE A 678 7.79 18.86 -1.38
N ASP A 679 8.60 17.87 -1.06
CA ASP A 679 9.97 18.12 -0.70
C ASP A 679 10.69 18.61 -1.91
N LEU A 680 10.24 18.18 -3.08
CA LEU A 680 10.96 18.48 -4.28
C LEU A 680 10.33 19.65 -4.96
N ILE A 681 9.02 19.60 -5.16
CA ILE A 681 8.38 20.71 -5.87
C ILE A 681 8.55 22.06 -5.12
N PHE A 682 8.62 22.02 -3.79
CA PHE A 682 8.63 23.26 -3.02
C PHE A 682 9.92 23.50 -2.29
N GLU A 683 10.37 22.52 -1.52
CA GLU A 683 11.58 22.68 -0.74
C GLU A 683 12.82 22.61 -1.60
N ARG A 684 12.67 22.09 -2.80
CA ARG A 684 13.79 21.78 -3.67
C ARG A 684 14.76 20.78 -3.03
N ARG A 685 14.36 20.18 -1.90
CA ARG A 685 15.09 19.03 -1.36
C ARG A 685 14.77 17.88 -2.26
N ARG A 686 15.73 17.50 -3.09
CA ARG A 686 15.54 16.42 -4.04
C ARG A 686 15.91 15.07 -3.42
N ARG A 687 15.24 14.65 -2.36
CA ARG A 687 15.67 13.50 -1.56
C ARG A 687 14.55 12.73 -0.88
N VAL A 688 14.57 11.41 -0.96
CA VAL A 688 13.43 10.65 -0.45
C VAL A 688 13.65 10.22 1.01
N ARG A 689 12.65 10.47 1.86
CA ARG A 689 12.78 10.19 3.29
C ARG A 689 12.46 8.74 3.67
N ASP A 690 12.94 8.27 4.83
CA ASP A 690 12.67 6.88 5.24
C ASP A 690 11.18 6.66 5.33
N VAL A 691 10.73 5.45 5.03
CA VAL A 691 9.30 5.20 5.01
C VAL A 691 8.65 5.54 6.35
N TYR A 692 9.24 5.21 7.50
CA TYR A 692 8.59 5.61 8.76
C TYR A 692 8.58 7.08 8.99
N GLU A 693 9.60 7.79 8.54
CA GLU A 693 9.61 9.21 8.76
C GLU A 693 8.50 9.88 8.00
N SER A 694 8.21 9.39 6.80
CA SER A 694 7.17 10.02 6.01
C SER A 694 5.79 9.59 6.45
N ARG A 695 5.62 8.33 6.77
CA ARG A 695 4.31 7.96 7.20
C ARG A 695 3.95 8.71 8.46
N HIS A 696 4.92 8.98 9.34
CA HIS A 696 4.58 9.83 10.47
C HIS A 696 4.44 11.26 10.05
N ILE A 697 5.06 11.72 8.95
CA ILE A 697 4.82 13.12 8.57
C ILE A 697 3.40 13.35 8.17
N ILE A 698 2.89 12.48 7.32
CA ILE A 698 1.49 12.57 6.91
C ILE A 698 0.57 12.34 8.10
N ALA A 699 0.94 11.40 8.96
CA ALA A 699 0.06 11.08 10.07
C ALA A 699 -0.05 12.27 10.95
N ARG A 700 1.02 13.03 11.02
CA ARG A 700 1.11 14.16 11.93
C ARG A 700 0.39 15.35 11.37
N ILE A 701 0.37 15.48 10.04
CA ILE A 701 -0.44 16.52 9.42
C ILE A 701 -1.90 16.23 9.66
N ARG A 702 -2.31 15.00 9.39
CA ARG A 702 -3.71 14.64 9.59
C ARG A 702 -4.13 14.76 11.03
N ARG A 703 -3.21 14.50 11.95
CA ARG A 703 -3.56 14.46 13.36
C ARG A 703 -4.15 15.77 13.84
N MET A 704 -3.67 16.88 13.27
CA MET A 704 -4.07 18.24 13.65
C MET A 704 -5.30 18.77 12.90
N ARG A 705 -5.96 19.79 13.44
CA ARG A 705 -7.01 20.50 12.70
C ARG A 705 -6.63 21.94 12.52
N GLY A 706 -7.56 22.72 11.97
CA GLY A 706 -7.54 24.17 12.09
C GLY A 706 -6.23 24.81 11.67
N LYS A 707 -5.79 25.79 12.44
CA LYS A 707 -4.55 26.49 12.10
C LYS A 707 -3.34 25.61 12.34
N GLU A 708 -3.42 24.78 13.38
CA GLU A 708 -2.29 23.95 13.76
C GLU A 708 -1.90 22.94 12.67
N ARG A 709 -2.87 22.52 11.85
CA ARG A 709 -2.54 21.65 10.72
C ARG A 709 -1.69 22.42 9.75
N LEU A 710 -2.05 23.67 9.52
CA LEU A 710 -1.22 24.55 8.70
C LEU A 710 0.12 24.80 9.36
N ASN A 711 0.23 24.60 10.65
CA ASN A 711 1.53 24.70 11.26
C ASN A 711 2.39 23.47 11.15
N VAL A 712 1.84 22.26 11.02
CA VAL A 712 2.81 21.20 10.84
C VAL A 712 3.08 20.99 9.35
N ILE A 713 2.20 21.46 8.47
CA ILE A 713 2.74 21.78 7.16
C ILE A 713 3.53 23.01 7.50
N ALA A 714 4.53 23.40 6.71
CA ALA A 714 5.30 24.63 7.03
C ALA A 714 6.00 24.43 8.34
N GLU A 715 6.24 23.17 8.65
CA GLU A 715 7.12 22.81 9.71
C GLU A 715 7.99 21.82 9.00
N PHE A 716 7.35 20.98 8.17
CA PHE A 716 8.05 20.05 7.31
C PHE A 716 8.35 20.62 5.95
N PHE A 717 7.54 21.55 5.48
CA PHE A 717 7.78 22.09 4.15
C PHE A 717 7.73 23.58 4.27
N PRO A 718 8.73 24.15 4.95
CA PRO A 718 8.59 25.54 5.32
C PRO A 718 8.34 26.47 4.15
N THR A 719 8.93 26.29 2.97
CA THR A 719 8.65 27.29 1.94
C THR A 719 7.23 27.13 1.48
N TYR A 720 6.73 25.91 1.49
CA TYR A 720 5.42 25.63 0.92
C TYR A 720 4.31 26.14 1.79
N GLY A 721 4.36 25.77 3.05
CA GLY A 721 3.32 26.21 3.95
C GLY A 721 3.57 27.69 4.16
N GLY A 722 4.80 28.12 3.94
CA GLY A 722 5.15 29.50 4.20
C GLY A 722 4.57 30.28 3.07
N LEU A 723 4.16 29.60 2.01
CA LEU A 723 3.54 30.32 0.88
C LEU A 723 2.06 30.00 0.74
N LEU A 724 1.53 29.13 1.58
CA LEU A 724 0.07 29.12 1.68
C LEU A 724 -0.39 29.73 2.98
N ASN A 725 0.54 29.99 3.89
CA ASN A 725 0.17 30.78 5.04
C ASN A 725 -0.08 32.16 4.56
N GLY A 726 0.61 32.51 3.49
CA GLY A 726 0.62 33.87 3.01
C GLY A 726 -0.48 34.26 2.05
N LEU A 727 -1.46 33.40 1.79
CA LEU A 727 -2.31 33.68 0.64
C LEU A 727 -3.35 34.80 0.85
N ASN A 728 -3.28 35.52 1.96
CA ASN A 728 -4.06 36.74 2.09
C ASN A 728 -3.57 37.80 1.11
N SER A 729 -2.32 37.70 0.71
CA SER A 729 -1.79 38.56 -0.36
C SER A 729 -2.38 38.11 -1.68
N ALA A 730 -1.72 37.13 -2.30
CA ALA A 730 -2.30 36.38 -3.41
C ALA A 730 -2.88 37.21 -4.56
N THR A 731 -2.09 38.12 -5.12
CA THR A 731 -2.62 38.98 -6.17
C THR A 731 -3.07 38.24 -7.42
N VAL A 732 -2.20 37.36 -7.93
CA VAL A 732 -2.41 36.68 -9.22
C VAL A 732 -3.03 35.29 -9.09
N VAL A 733 -3.20 34.57 -10.18
CA VAL A 733 -3.80 33.24 -10.07
C VAL A 733 -2.74 32.22 -9.67
N GLN A 734 -1.48 32.61 -9.90
CA GLN A 734 -0.39 31.74 -9.56
C GLN A 734 -0.37 31.51 -8.07
N ASN A 735 -0.73 32.53 -7.30
CA ASN A 735 -0.69 32.42 -5.85
C ASN A 735 -1.76 31.52 -5.29
N ILE A 736 -2.90 31.47 -5.97
CA ILE A 736 -3.97 30.59 -5.57
C ILE A 736 -3.67 29.17 -5.97
N MET A 737 -2.81 29.04 -6.98
CA MET A 737 -2.65 27.77 -7.63
C MET A 737 -2.05 26.69 -6.72
N TYR A 738 -1.41 27.07 -5.62
CA TYR A 738 -0.80 26.13 -4.65
C TYR A 738 -1.78 25.35 -3.82
N LEU A 739 -3.03 25.78 -3.78
CA LEU A 739 -4.01 25.06 -2.99
C LEU A 739 -4.22 23.66 -3.49
N ASN A 740 -4.06 23.43 -4.77
CA ASN A 740 -4.40 22.14 -5.33
C ASN A 740 -3.55 21.03 -4.80
N PHE A 741 -2.40 21.34 -4.23
CA PHE A 741 -1.59 20.27 -3.69
C PHE A 741 -2.19 19.72 -2.43
N LEU A 742 -3.05 20.49 -1.77
CA LEU A 742 -3.59 20.09 -0.46
C LEU A 742 -4.20 18.72 -0.42
N PRO A 743 -4.98 18.31 -1.42
CA PRO A 743 -5.58 16.99 -1.32
C PRO A 743 -4.57 15.89 -1.15
N LEU A 744 -3.34 16.11 -1.55
CA LEU A 744 -2.35 15.06 -1.45
C LEU A 744 -2.13 14.53 -0.05
N TYR A 745 -2.37 15.27 1.01
CA TYR A 745 -2.25 14.62 2.32
C TYR A 745 -3.37 13.60 2.64
N PHE A 746 -4.58 13.98 2.32
CA PHE A 746 -5.75 13.31 2.81
C PHE A 746 -6.20 12.22 1.91
N LEU A 747 -5.44 11.91 0.87
CA LEU A 747 -6.11 11.16 -0.17
C LEU A 747 -5.65 9.74 -0.31
N VAL A 748 -4.64 9.32 0.43
CA VAL A 748 -4.09 8.00 0.13
C VAL A 748 -3.21 7.41 1.24
N GLY A 749 -3.13 6.09 1.29
CA GLY A 749 -2.33 5.42 2.30
C GLY A 749 -2.79 3.98 2.30
N ASP A 750 -1.91 3.05 2.64
CA ASP A 750 -2.29 1.64 2.57
C ASP A 750 -3.42 1.34 3.52
N ASN A 751 -3.47 2.03 4.65
CA ASN A 751 -4.46 1.70 5.67
C ASN A 751 -5.37 2.85 6.10
N MET A 752 -6.32 3.21 5.25
CA MET A 752 -7.35 4.18 5.64
C MET A 752 -8.50 3.98 4.72
N ILE A 753 -9.70 4.35 5.14
CA ILE A 753 -10.83 4.46 4.19
C ILE A 753 -11.49 5.79 4.43
N TYR A 754 -12.07 6.35 3.38
CA TYR A 754 -12.68 7.66 3.47
C TYR A 754 -13.82 7.67 4.47
N SER A 755 -14.00 8.83 5.10
CA SER A 755 -14.94 8.95 6.20
C SER A 755 -16.28 8.60 5.66
N HIS A 756 -16.52 9.02 4.43
CA HIS A 756 -17.68 8.58 3.69
C HIS A 756 -17.47 8.93 2.23
N ARG A 757 -17.18 7.93 1.38
CA ARG A 757 -16.97 8.22 -0.03
C ARG A 757 -18.23 8.81 -0.53
N GLN A 758 -18.12 9.70 -1.50
CA GLN A 758 -19.20 10.57 -2.03
C GLN A 758 -19.16 11.96 -1.41
N TRP A 759 -18.42 12.16 -0.33
CA TRP A 759 -18.02 13.52 0.00
C TRP A 759 -17.11 14.00 -1.12
N SER A 760 -17.18 15.26 -1.46
CA SER A 760 -16.32 15.78 -2.51
C SER A 760 -15.46 16.85 -1.92
N ILE A 761 -14.20 16.93 -2.35
CA ILE A 761 -13.34 17.95 -1.81
C ILE A 761 -13.13 18.99 -2.92
N PRO A 762 -12.95 20.26 -2.54
CA PRO A 762 -12.80 21.34 -3.51
C PRO A 762 -11.53 21.19 -4.31
N LEU A 763 -11.52 21.65 -5.55
CA LEU A 763 -10.31 21.65 -6.36
C LEU A 763 -10.45 22.70 -7.43
N LEU A 764 -9.35 23.18 -8.01
CA LEU A 764 -9.50 24.06 -9.16
C LEU A 764 -9.07 23.35 -10.43
N LEU A 765 -9.96 23.11 -11.39
CA LEU A 765 -9.44 22.65 -12.68
C LEU A 765 -9.24 23.88 -13.53
N TYR A 766 -8.29 23.82 -14.45
CA TYR A 766 -8.02 24.98 -15.28
C TYR A 766 -8.51 24.82 -16.70
N THR A 767 -9.73 25.29 -16.93
CA THR A 767 -10.14 25.56 -18.27
C THR A 767 -9.61 26.95 -18.54
N HIS A 768 -10.20 27.66 -19.48
CA HIS A 768 -9.78 29.02 -19.74
C HIS A 768 -9.95 29.94 -18.53
N GLU A 769 -10.81 29.59 -17.56
CA GLU A 769 -11.16 30.56 -16.52
C GLU A 769 -10.95 30.18 -15.03
N VAL A 770 -10.42 28.99 -14.72
CA VAL A 770 -10.24 28.55 -13.31
C VAL A 770 -11.57 28.30 -12.53
N MET A 771 -12.30 27.27 -12.93
CA MET A 771 -13.48 26.81 -12.19
C MET A 771 -13.01 25.97 -10.99
N VAL A 772 -13.81 26.03 -9.92
CA VAL A 772 -13.61 25.22 -8.71
C VAL A 772 -14.54 24.05 -8.64
N VAL A 773 -14.15 22.91 -9.19
CA VAL A 773 -15.05 21.77 -9.19
C VAL A 773 -14.97 21.03 -7.87
N PRO A 774 -16.04 20.32 -7.51
CA PRO A 774 -15.87 19.38 -6.40
C PRO A 774 -15.46 18.04 -6.97
N LEU A 775 -14.32 17.47 -6.57
CA LEU A 775 -14.10 16.10 -7.02
C LEU A 775 -14.42 15.15 -5.88
N GLU A 776 -15.28 14.17 -6.16
CA GLU A 776 -15.65 13.20 -5.15
C GLU A 776 -14.46 12.35 -4.76
N VAL A 777 -14.28 12.13 -3.46
CA VAL A 777 -13.29 11.19 -2.95
C VAL A 777 -14.01 9.99 -2.51
N GLY A 778 -14.30 9.06 -3.42
CA GLY A 778 -13.80 9.01 -4.76
C GLY A 778 -14.12 7.56 -5.02
N SER A 779 -14.39 7.18 -6.24
CA SER A 779 -14.36 8.09 -7.34
C SER A 779 -15.55 7.75 -8.20
N TYR A 780 -16.72 7.92 -7.61
CA TYR A 780 -17.98 7.44 -8.14
C TYR A 780 -17.91 5.93 -8.18
N ASN A 781 -17.09 5.38 -7.30
CA ASN A 781 -17.00 3.95 -7.19
C ASN A 781 -16.30 3.47 -5.95
N ASP A 782 -16.38 4.26 -4.87
CA ASP A 782 -15.95 3.80 -3.56
C ASP A 782 -14.55 3.19 -3.64
N ARG A 783 -13.68 3.78 -4.45
CA ARG A 783 -12.31 3.31 -4.49
C ARG A 783 -11.45 4.38 -3.88
N CYS A 784 -10.33 3.98 -3.28
CA CYS A 784 -9.56 4.95 -2.53
C CYS A 784 -8.09 4.60 -2.63
N GLY A 785 -7.24 5.58 -2.94
CA GLY A 785 -7.60 6.90 -3.37
C GLY A 785 -6.45 7.34 -4.25
N LEU A 786 -6.36 8.64 -4.54
CA LEU A 786 -5.43 9.22 -5.54
C LEU A 786 -5.80 8.92 -6.99
N ILE A 787 -6.88 8.17 -7.22
CA ILE A 787 -7.56 8.15 -8.52
C ILE A 787 -8.41 9.34 -8.49
N ALA A 788 -8.92 9.55 -7.28
CA ALA A 788 -10.02 10.46 -7.06
C ALA A 788 -9.60 11.80 -7.58
N TYR A 789 -8.30 12.03 -7.46
CA TYR A 789 -7.72 13.36 -7.52
C TYR A 789 -6.75 13.56 -8.66
N LEU A 790 -5.88 12.58 -8.89
CA LEU A 790 -4.69 12.84 -9.69
C LEU A 790 -4.96 13.33 -11.08
N GLU A 791 -6.04 12.87 -11.70
CA GLU A 791 -6.17 13.18 -13.12
C GLU A 791 -6.59 14.61 -13.47
N TYR A 792 -7.32 15.31 -12.62
CA TYR A 792 -7.63 16.72 -12.89
C TYR A 792 -6.34 17.51 -12.92
N MET A 793 -5.40 17.06 -12.10
CA MET A 793 -4.17 17.76 -11.87
C MET A 793 -3.32 17.78 -13.14
N VAL A 794 -3.63 16.90 -14.09
CA VAL A 794 -2.95 16.90 -15.37
C VAL A 794 -3.29 18.14 -16.21
N PHE A 795 -4.30 18.92 -15.82
CA PHE A 795 -4.52 20.23 -16.48
C PHE A 795 -3.88 21.39 -15.74
N PHE A 796 -3.17 22.29 -16.42
CA PHE A 796 -2.71 23.50 -15.73
C PHE A 796 -2.81 24.72 -16.64
N PRO A 797 -2.92 25.92 -16.06
CA PRO A 797 -3.24 27.12 -16.86
C PRO A 797 -2.18 27.62 -17.86
N SER A 798 -2.65 28.23 -18.95
CA SER A 798 -1.75 28.94 -19.87
C SER A 798 -1.12 30.10 -19.12
N LYS A 799 0.08 30.48 -19.50
CA LYS A 799 0.87 31.38 -18.67
C LYS A 799 0.13 32.69 -18.41
N ALA A 800 -0.65 33.11 -19.40
CA ALA A 800 -1.44 34.32 -19.26
C ALA A 800 -2.56 34.15 -18.21
N ILE A 801 -3.26 33.01 -18.25
CA ILE A 801 -4.24 32.71 -17.22
C ILE A 801 -3.55 32.52 -15.87
N ARG A 802 -2.29 32.11 -15.92
CA ARG A 802 -1.49 31.86 -14.74
C ARG A 802 -1.00 33.14 -14.08
N PHE A 803 -1.08 34.28 -14.78
CA PHE A 803 -0.86 35.57 -14.11
C PHE A 803 -2.10 36.43 -13.88
N SER A 804 -3.09 36.29 -14.75
CA SER A 804 -4.43 36.91 -14.64
C SER A 804 -4.77 37.96 -13.56
N LYS A 805 -4.07 37.97 -12.43
CA LYS A 805 -4.37 38.89 -11.33
C LYS A 805 -5.78 38.70 -10.74
N LEU A 806 -6.20 37.44 -10.61
CA LEU A 806 -7.47 37.06 -9.98
C LEU A 806 -8.65 37.81 -10.53
N ASN A 807 -9.76 37.73 -9.80
CA ASN A 807 -10.85 38.68 -9.97
C ASN A 807 -11.37 38.95 -8.57
N GLU A 808 -12.68 39.17 -8.43
CA GLU A 808 -13.21 39.49 -7.12
C GLU A 808 -13.52 38.24 -6.28
N ALA A 809 -14.10 37.23 -6.92
CA ALA A 809 -14.54 36.02 -6.20
C ALA A 809 -13.41 35.02 -5.91
N GLN A 810 -12.39 34.98 -6.75
CA GLN A 810 -11.31 34.03 -6.59
C GLN A 810 -10.57 34.12 -5.26
N PRO A 811 -10.21 35.34 -4.78
CA PRO A 811 -9.55 35.33 -3.46
C PRO A 811 -10.40 34.69 -2.38
N LYS A 812 -11.71 34.92 -2.46
CA LYS A 812 -12.61 34.42 -1.43
C LYS A 812 -12.87 32.92 -1.56
N ILE A 813 -12.93 32.42 -2.79
CA ILE A 813 -12.93 30.97 -3.00
C ILE A 813 -11.65 30.34 -2.45
N ALA A 814 -10.50 30.95 -2.69
CA ALA A 814 -9.28 30.31 -2.23
C ALA A 814 -9.20 30.29 -0.71
N ARG A 815 -9.68 31.39 -0.10
CA ARG A 815 -9.65 31.47 1.36
C ARG A 815 -10.51 30.36 1.88
N GLU A 816 -11.66 30.14 1.20
CA GLU A 816 -12.56 29.07 1.60
C GLU A 816 -12.01 27.69 1.41
N MET A 817 -11.27 27.47 0.34
CA MET A 817 -10.69 26.17 0.04
C MET A 817 -9.65 25.78 1.06
N LEU A 818 -8.67 26.65 1.24
CA LEU A 818 -7.64 26.36 2.22
C LEU A 818 -8.24 26.25 3.61
N LYS A 819 -9.23 27.09 3.94
CA LYS A 819 -9.91 26.97 5.23
C LYS A 819 -10.67 25.67 5.33
N TYR A 820 -11.12 25.11 4.21
CA TYR A 820 -11.79 23.81 4.27
C TYR A 820 -10.83 22.67 4.51
N TYR A 821 -9.71 22.67 3.79
CA TYR A 821 -8.73 21.61 3.99
C TYR A 821 -8.08 21.73 5.33
N ALA A 822 -8.10 22.92 5.88
CA ALA A 822 -7.35 23.14 7.09
C ALA A 822 -7.94 22.24 8.16
N ASN A 823 -9.21 21.89 8.05
CA ASN A 823 -9.79 21.00 9.04
C ASN A 823 -10.70 19.91 8.48
N THR A 824 -10.53 19.59 7.20
CA THR A 824 -11.18 18.41 6.63
C THR A 824 -10.67 17.18 7.33
N THR A 825 -11.57 16.24 7.56
CA THR A 825 -11.20 14.95 8.14
C THR A 825 -11.64 13.82 7.23
N VAL A 826 -11.49 14.01 5.93
CA VAL A 826 -12.09 13.11 4.98
C VAL A 826 -11.42 11.72 4.97
N TYR A 827 -10.19 11.62 5.47
CA TYR A 827 -9.42 10.36 5.52
C TYR A 827 -9.83 9.48 6.71
N ASP A 828 -10.71 9.98 7.56
CA ASP A 828 -10.79 9.45 8.91
C ASP A 828 -11.64 8.22 9.14
N GLY A 829 -12.52 7.87 8.20
CA GLY A 829 -13.51 6.83 8.47
C GLY A 829 -12.86 5.52 8.89
N GLY A 830 -13.38 4.90 9.94
CA GLY A 830 -12.69 3.80 10.60
C GLY A 830 -12.42 2.51 9.82
N VAL A 831 -11.14 2.18 9.71
CA VAL A 831 -10.71 0.98 9.02
C VAL A 831 -10.90 -0.24 9.86
N ASN A 832 -10.99 -1.38 9.18
CA ASN A 832 -10.92 -2.64 9.86
C ASN A 832 -9.46 -3.00 10.05
N TYR A 833 -8.87 -2.63 11.18
CA TYR A 833 -7.44 -2.84 11.37
C TYR A 833 -7.10 -4.31 11.35
N ASN A 834 -8.00 -5.11 11.92
CA ASN A 834 -7.82 -6.54 12.03
C ASN A 834 -7.68 -7.25 10.71
N VAL A 835 -8.40 -6.75 9.71
CA VAL A 835 -8.43 -7.33 8.39
C VAL A 835 -7.26 -6.83 7.57
N VAL A 836 -7.00 -5.53 7.69
CA VAL A 836 -6.18 -4.83 6.73
C VAL A 836 -4.72 -4.89 7.01
N THR A 837 -4.35 -4.88 8.28
CA THR A 837 -2.91 -4.90 8.54
C THR A 837 -2.43 -6.33 8.58
N THR A 838 -3.32 -7.26 8.82
CA THR A 838 -2.86 -8.59 9.13
C THR A 838 -2.24 -9.38 7.94
N LYS A 839 -2.41 -8.88 6.72
CA LYS A 839 -2.20 -9.70 5.54
C LYS A 839 -0.76 -9.94 5.15
N GLN A 840 0.20 -9.34 5.85
CA GLN A 840 1.60 -9.55 5.46
C GLN A 840 2.04 -11.00 5.22
N LEU A 841 1.81 -11.89 6.19
CA LEU A 841 2.08 -13.32 5.98
C LEU A 841 1.28 -14.00 4.86
N LEU A 842 0.09 -13.50 4.54
CA LEU A 842 -0.58 -13.99 3.34
C LEU A 842 0.23 -13.74 2.08
N TYR A 843 0.64 -12.49 1.81
CA TYR A 843 1.48 -12.27 0.62
C TYR A 843 2.78 -13.04 0.75
N GLU A 844 3.31 -13.17 1.97
CA GLU A 844 4.57 -13.89 2.13
C GLU A 844 4.47 -15.30 1.62
N THR A 845 3.43 -16.04 2.03
CA THR A 845 3.38 -17.43 1.57
C THR A 845 2.77 -17.56 0.17
N TYR A 846 1.93 -16.63 -0.24
CA TYR A 846 1.41 -16.74 -1.57
C TYR A 846 2.56 -16.58 -2.56
N LEU A 847 3.33 -15.53 -2.34
CA LEU A 847 4.49 -15.27 -3.17
C LEU A 847 5.41 -16.45 -3.09
N ALA A 848 5.46 -17.11 -1.95
CA ALA A 848 6.27 -18.32 -1.93
C ALA A 848 5.76 -19.34 -2.93
N SER A 849 4.45 -19.43 -3.07
CA SER A 849 3.94 -20.36 -4.07
C SER A 849 4.34 -19.92 -5.50
N LEU A 850 4.39 -18.62 -5.77
CA LEU A 850 4.71 -18.16 -7.13
C LEU A 850 6.13 -18.38 -7.60
N CYS A 851 7.07 -18.50 -6.67
CA CYS A 851 8.47 -18.74 -7.02
C CYS A 851 9.00 -19.82 -6.11
N GLY A 852 9.69 -19.39 -5.06
CA GLY A 852 9.77 -20.18 -3.85
C GLY A 852 10.33 -21.58 -3.95
N GLY A 853 9.84 -22.52 -3.13
CA GLY A 853 8.70 -22.33 -2.23
C GLY A 853 8.96 -21.57 -0.94
N ILE A 854 8.17 -21.84 0.10
CA ILE A 854 8.33 -21.14 1.37
C ILE A 854 9.47 -21.66 2.26
N SER A 855 9.96 -20.84 3.17
CA SER A 855 10.82 -21.35 4.23
C SER A 855 10.41 -20.86 5.64
N ASP A 856 9.81 -21.75 6.42
CA ASP A 856 9.26 -21.41 7.72
C ASP A 856 10.35 -20.99 8.71
N GLY A 857 10.03 -20.17 9.70
CA GLY A 857 10.96 -19.96 10.78
C GLY A 857 10.44 -18.94 11.78
N ILE A 858 10.37 -19.27 13.07
CA ILE A 858 10.03 -18.24 14.07
C ILE A 858 11.25 -17.66 14.68
N VAL A 859 11.21 -16.37 14.97
CA VAL A 859 12.24 -15.69 15.72
C VAL A 859 11.63 -15.09 16.97
N TRP A 860 12.39 -15.05 18.06
CA TRP A 860 11.97 -14.40 19.30
C TRP A 860 13.18 -13.66 19.86
N TYR A 861 13.04 -12.54 20.55
CA TYR A 861 14.26 -11.85 21.06
C TYR A 861 14.48 -12.01 22.53
N LEU A 862 15.70 -12.37 22.91
CA LEU A 862 16.04 -12.59 24.31
C LEU A 862 16.82 -11.41 24.83
N PRO A 863 16.22 -10.63 25.73
CA PRO A 863 16.87 -9.43 26.27
C PRO A 863 18.13 -9.70 27.06
N ILE A 864 19.15 -8.88 26.94
CA ILE A 864 20.35 -9.07 27.73
C ILE A 864 20.54 -7.81 28.58
N THR A 865 21.01 -7.91 29.81
CA THR A 865 20.81 -6.75 30.64
C THR A 865 22.10 -6.25 31.29
N HIS A 866 23.21 -6.98 31.19
CA HIS A 866 24.52 -6.43 31.53
C HIS A 866 25.63 -6.84 30.62
N PRO A 867 26.59 -5.96 30.36
CA PRO A 867 26.75 -4.64 30.90
C PRO A 867 25.88 -3.65 30.17
N ASN A 868 25.59 -3.87 28.91
CA ASN A 868 24.66 -2.97 28.28
C ASN A 868 23.35 -3.63 28.03
N LYS A 869 22.31 -2.85 27.93
CA LYS A 869 20.99 -3.38 27.67
C LYS A 869 20.86 -3.69 26.17
N CYS A 870 20.79 -4.95 25.77
CA CYS A 870 20.85 -5.30 24.33
C CYS A 870 20.21 -6.66 23.95
N ILE A 871 19.49 -6.67 22.84
CA ILE A 871 18.73 -7.81 22.34
C ILE A 871 19.53 -8.92 21.67
N VAL A 872 19.18 -10.19 21.86
CA VAL A 872 19.73 -11.25 21.01
C VAL A 872 18.62 -12.04 20.31
N ALA A 873 18.46 -11.88 19.00
CA ALA A 873 17.45 -12.66 18.28
C ALA A 873 17.78 -14.14 18.25
N ILE A 874 16.79 -14.99 18.51
CA ILE A 874 16.95 -16.44 18.43
C ILE A 874 15.92 -16.98 17.48
N GLU A 875 16.32 -17.92 16.65
CA GLU A 875 15.62 -18.11 15.40
C GLU A 875 15.56 -19.54 14.97
N VAL A 876 14.41 -20.20 15.06
CA VAL A 876 14.36 -21.59 14.65
C VAL A 876 13.78 -21.74 13.26
N SER A 877 14.39 -22.50 12.37
CA SER A 877 13.84 -22.51 11.03
C SER A 877 14.20 -23.65 10.04
N ASP A 878 13.44 -23.68 8.96
CA ASP A 878 13.59 -24.63 7.92
C ASP A 878 14.95 -24.48 7.33
N GLU A 879 15.48 -25.60 6.86
CA GLU A 879 16.82 -25.77 6.32
C GLU A 879 17.07 -25.09 4.99
N ARG A 880 16.00 -24.66 4.31
CA ARG A 880 16.11 -24.28 2.91
C ARG A 880 17.03 -23.09 2.59
N VAL A 881 16.66 -21.87 2.95
CA VAL A 881 17.56 -20.76 2.72
C VAL A 881 18.68 -20.74 3.78
N PRO A 882 19.95 -20.46 3.36
CA PRO A 882 21.16 -20.57 4.21
C PRO A 882 21.15 -19.63 5.42
N ALA A 883 21.74 -20.09 6.52
CA ALA A 883 21.56 -19.44 7.82
C ALA A 883 21.99 -18.00 7.82
N SER A 884 23.14 -17.70 7.23
CA SER A 884 23.65 -16.34 7.28
C SER A 884 22.74 -15.32 6.60
N ILE A 885 22.23 -15.63 5.42
CA ILE A 885 21.36 -14.71 4.71
C ILE A 885 20.07 -14.53 5.53
N ARG A 886 19.64 -15.60 6.16
CA ARG A 886 18.47 -15.50 7.00
C ARG A 886 18.73 -14.58 8.18
N ALA A 887 19.96 -14.57 8.70
CA ALA A 887 20.34 -13.68 9.79
C ALA A 887 20.35 -12.22 9.36
N GLY A 888 20.76 -11.97 8.11
CA GLY A 888 20.75 -10.60 7.59
C GLY A 888 19.31 -10.12 7.53
N ARG A 889 18.47 -10.99 6.99
CA ARG A 889 17.09 -10.62 6.95
C ARG A 889 16.54 -10.45 8.38
N ILE A 890 17.13 -11.10 9.39
CA ILE A 890 16.58 -10.95 10.74
C ILE A 890 16.82 -9.55 11.17
N ARG A 891 17.99 -9.04 10.78
CA ARG A 891 18.39 -7.67 11.15
C ARG A 891 17.45 -6.68 10.51
N LEU A 892 16.81 -7.09 9.44
CA LEU A 892 15.81 -6.23 8.81
C LEU A 892 14.54 -5.90 9.63
N ARG A 893 14.26 -6.62 10.69
CA ARG A 893 13.06 -6.28 11.46
C ARG A 893 13.37 -5.23 12.49
N PHE A 894 14.49 -4.56 12.32
CA PHE A 894 14.87 -3.48 13.20
C PHE A 894 15.18 -2.35 12.28
N PRO A 895 14.17 -1.80 11.64
CA PRO A 895 14.41 -0.74 10.68
C PRO A 895 15.11 0.46 11.31
N LEU A 896 14.85 0.73 12.58
CA LEU A 896 15.50 1.88 13.18
C LEU A 896 16.03 1.63 14.58
N SER A 897 16.70 0.51 14.75
CA SER A 897 17.13 0.14 16.07
C SER A 897 18.06 -1.06 15.98
N ALA A 898 18.61 -1.24 14.78
CA ALA A 898 19.38 -2.41 14.47
C ALA A 898 20.56 -2.47 15.40
N ARG A 899 20.97 -1.30 15.86
CA ARG A 899 22.18 -1.22 16.64
C ARG A 899 22.06 -1.98 17.96
N HIS A 900 20.84 -2.16 18.48
CA HIS A 900 20.67 -2.90 19.73
C HIS A 900 20.71 -4.37 19.61
N LEU A 901 20.52 -4.89 18.41
CA LEU A 901 20.46 -6.30 18.19
C LEU A 901 21.88 -6.80 18.12
N LYS A 902 22.39 -7.26 19.25
CA LYS A 902 23.80 -7.54 19.40
C LYS A 902 24.24 -8.96 19.10
N GLY A 903 23.35 -9.89 18.77
CA GLY A 903 23.82 -11.18 18.29
C GLY A 903 22.67 -12.08 17.90
N VAL A 904 22.88 -13.08 17.07
CA VAL A 904 21.71 -13.74 16.45
C VAL A 904 21.83 -15.23 16.29
N VAL A 905 21.29 -16.04 17.20
CA VAL A 905 21.31 -17.48 16.99
C VAL A 905 20.32 -17.95 15.95
N ILE A 906 20.68 -18.89 15.08
CA ILE A 906 19.71 -19.39 14.09
C ILE A 906 19.74 -20.92 14.06
N ILE A 907 18.99 -21.57 14.93
CA ILE A 907 18.86 -23.02 14.82
C ILE A 907 18.16 -23.40 13.52
N GLN A 908 18.68 -24.37 12.77
CA GLN A 908 18.06 -24.71 11.50
C GLN A 908 17.74 -26.17 11.43
N ILE A 909 16.51 -26.53 11.74
CA ILE A 909 16.13 -27.92 11.77
C ILE A 909 15.88 -28.41 10.39
N ASP A 910 16.53 -29.53 10.04
CA ASP A 910 16.42 -30.18 8.75
C ASP A 910 15.05 -30.74 8.55
N GLU A 911 14.73 -31.18 7.34
CA GLU A 911 13.51 -31.95 7.14
C GLU A 911 13.59 -33.31 7.83
N GLU A 912 14.79 -33.83 7.99
CA GLU A 912 14.97 -35.14 8.58
C GLU A 912 15.00 -35.07 10.09
N GLY A 913 14.79 -33.89 10.65
CA GLY A 913 14.93 -33.72 12.09
C GLY A 913 16.38 -33.55 12.55
N GLU A 914 17.25 -33.20 11.60
CA GLU A 914 18.68 -33.06 11.83
C GLU A 914 19.11 -31.59 11.94
N PHE A 915 19.00 -31.04 13.13
CA PHE A 915 19.25 -29.62 13.36
C PHE A 915 20.73 -29.19 13.23
N THR A 916 20.97 -27.90 13.00
CA THR A 916 22.32 -27.35 12.91
C THR A 916 22.43 -25.85 13.18
N VAL A 917 22.97 -25.47 14.34
CA VAL A 917 23.03 -24.06 14.79
C VAL A 917 23.92 -23.13 14.02
N TYR A 918 23.65 -21.83 14.11
CA TYR A 918 24.63 -20.84 13.62
C TYR A 918 24.55 -19.52 14.40
N SER A 919 25.64 -18.80 14.65
CA SER A 919 25.48 -17.56 15.43
C SER A 919 26.44 -16.40 15.18
N GLU A 920 25.96 -15.19 15.47
CA GLU A 920 26.75 -13.99 15.27
C GLU A 920 27.34 -13.53 16.59
N GLY A 921 27.70 -12.24 16.73
CA GLY A 921 28.51 -11.79 17.85
C GLY A 921 27.75 -11.80 19.18
N ILE A 922 28.45 -11.68 20.30
CA ILE A 922 27.88 -11.75 21.65
C ILE A 922 27.51 -13.21 21.90
N VAL A 923 26.66 -13.86 21.11
CA VAL A 923 26.34 -15.30 21.30
C VAL A 923 27.41 -16.27 20.87
N SER A 924 27.38 -17.46 21.44
CA SER A 924 28.33 -18.48 21.03
C SER A 924 27.71 -19.85 21.29
N HIS A 925 27.45 -20.63 20.26
CA HIS A 925 26.74 -21.86 20.55
C HIS A 925 27.68 -22.99 20.70
N ARG A 926 27.22 -24.06 21.36
CA ARG A 926 27.95 -25.31 21.39
C ARG A 926 26.99 -26.45 21.67
N VAL A 927 26.82 -27.37 20.73
CA VAL A 927 25.81 -28.42 20.88
C VAL A 927 26.25 -29.65 21.68
N CYS A 928 25.44 -30.13 22.63
CA CYS A 928 25.83 -31.36 23.36
C CYS A 928 24.70 -32.21 23.95
N LYS A 929 24.84 -33.54 23.85
CA LYS A 929 23.78 -34.50 24.23
C LYS A 929 23.50 -34.47 25.72
N LYS A 930 22.24 -34.67 26.06
CA LYS A 930 21.77 -34.85 27.43
C LYS A 930 21.11 -36.21 27.55
N ASN A 931 21.48 -37.01 28.54
CA ASN A 931 21.07 -38.39 28.50
C ASN A 931 20.37 -38.91 29.71
N LEU A 932 19.23 -38.35 30.08
CA LEU A 932 18.56 -38.81 31.31
C LEU A 932 18.10 -40.26 31.19
N LEU A 933 18.94 -41.21 31.62
CA LEU A 933 18.69 -42.63 31.44
C LEU A 933 18.56 -43.02 29.98
N LYS A 934 17.53 -43.80 29.66
CA LYS A 934 17.22 -44.16 28.27
C LYS A 934 16.83 -42.95 27.40
N TYR A 935 16.05 -42.03 27.96
CA TYR A 935 15.63 -40.81 27.27
C TYR A 935 16.77 -39.92 26.93
N MET A 936 16.86 -39.39 25.70
CA MET A 936 18.05 -38.58 25.36
C MET A 936 17.86 -37.60 24.25
N CYS A 937 18.57 -36.48 24.30
CA CYS A 937 18.46 -35.45 23.25
C CYS A 937 19.53 -34.36 23.30
N ASP A 938 19.82 -33.71 22.18
CA ASP A 938 20.80 -32.62 22.18
C ASP A 938 20.27 -31.39 22.86
N ILE A 939 21.16 -30.69 23.56
CA ILE A 939 20.89 -29.39 24.13
C ILE A 939 21.83 -28.46 23.44
N ILE A 940 21.31 -27.44 22.78
CA ILE A 940 22.15 -26.43 22.23
C ILE A 940 22.58 -25.51 23.35
N LEU A 941 23.82 -25.53 23.81
CA LEU A 941 24.24 -24.52 24.79
C LEU A 941 24.46 -23.17 24.14
N LEU A 942 24.12 -22.08 24.80
CA LEU A 942 24.33 -20.78 24.19
C LEU A 942 25.05 -19.81 25.11
N LYS A 943 26.39 -19.87 25.18
CA LYS A 943 27.19 -18.94 26.02
C LYS A 943 27.10 -17.50 25.55
N PHE A 944 26.87 -16.55 26.45
CA PHE A 944 27.01 -15.14 26.06
C PHE A 944 28.17 -14.52 26.78
N SER A 945 29.40 -14.85 26.40
CA SER A 945 30.51 -14.63 27.33
C SER A 945 30.58 -13.19 27.71
N GLY A 946 30.71 -12.91 29.00
CA GLY A 946 30.77 -11.55 29.47
C GLY A 946 29.46 -10.78 29.64
N HIS A 947 28.31 -11.42 29.51
CA HIS A 947 27.03 -10.71 29.59
C HIS A 947 26.02 -11.29 30.56
N VAL A 948 25.90 -10.83 31.80
CA VAL A 948 24.82 -11.34 32.66
C VAL A 948 23.44 -11.11 32.05
N PHE A 949 22.50 -12.03 32.15
CA PHE A 949 21.21 -11.74 31.48
C PHE A 949 19.95 -12.27 32.16
N GLY A 950 20.02 -12.67 33.40
CA GLY A 950 18.95 -13.50 33.93
C GLY A 950 17.75 -12.96 34.71
N ASN A 951 17.96 -12.53 35.94
CA ASN A 951 16.90 -12.47 36.91
C ASN A 951 16.17 -11.16 37.07
N ASP A 952 15.36 -10.78 36.10
CA ASP A 952 14.63 -9.54 36.21
C ASP A 952 13.52 -9.56 35.22
N GLU A 953 12.66 -8.56 35.31
CA GLU A 953 11.61 -8.45 34.33
C GLU A 953 12.13 -7.63 33.18
N MET A 954 13.24 -8.04 32.60
CA MET A 954 13.85 -7.24 31.57
C MET A 954 12.93 -7.14 30.38
N LEU A 955 12.28 -8.22 30.04
CA LEU A 955 11.57 -8.16 28.78
C LEU A 955 10.36 -7.26 28.96
N THR A 956 9.67 -7.44 30.07
CA THR A 956 8.43 -6.71 30.27
C THR A 956 8.74 -5.25 30.56
N LYS A 957 9.95 -4.95 31.00
CA LYS A 957 10.35 -3.56 31.13
C LYS A 957 10.57 -2.99 29.75
N LEU A 958 11.23 -3.79 28.93
CA LEU A 958 11.65 -3.40 27.61
C LEU A 958 10.47 -3.06 26.69
N LEU A 959 9.38 -3.79 26.87
CA LEU A 959 8.19 -3.58 26.06
C LEU A 959 7.33 -2.48 26.63
N ASN A 960 7.16 -2.49 27.96
CA ASN A 960 6.26 -1.57 28.59
C ASN A 960 6.82 -0.16 28.51
N VAL A 961 7.74 0.14 27.59
CA VAL A 961 8.28 1.50 27.47
C VAL A 961 7.17 2.51 27.22
#